data_5IWG
#
_entry.id   5IWG
#
_cell.length_a   92.297
_cell.length_b   98.013
_cell.length_c   139.250
_cell.angle_alpha   90.00
_cell.angle_beta   90.00
_cell.angle_gamma   90.00
#
_symmetry.space_group_name_H-M   'P 21 21 21'
#
loop_
_entity.id
_entity.type
_entity.pdbx_description
1 polymer 'Histone deacetylase 2'
2 non-polymer 'ZINC ION'
3 non-polymer 'CALCIUM ION'
4 non-polymer "N-(4-amino-4'-fluoro[1,1'-biphenyl]-3-yl)oxane-4-carboxamide"
5 non-polymer 1-METHOXY-2-[2-(2-METHOXY-ETHOXY]-ETHANE
6 non-polymer 'TRIETHYLENE GLYCOL'
7 non-polymer DI(HYDROXYETHYL)ETHER
8 non-polymer 'TETRAETHYLENE GLYCOL'
9 water water
#
_entity_poly.entity_id   1
_entity_poly.type   'polypeptide(L)'
_entity_poly.pdbx_seq_one_letter_code
;GKKKVCYYYDGDIGNYYYGQGHPMKPHRIRMTHNLLLNYGLYRKMEIYRPHKATAEEMTKYHSDEYIKFLRSIRPDNMSE
YSKQMQRFNVGEDCPVFDGLFEFCQLSTGGSVAGAVKLNRQQTDMAVNWAGGLHHAKKSEASGFCYVNDIVLAILELLKY
HQRVLYIDIDIHHGDGVEEAFYTTDRVMTVSFHKYGEYFPGTGDLRDIGAGKGKYYAVNFPMRDGIDDESYGQIFKPIIS
KVMEMYQPSAVVLQCGADSLSGDRLGCFNLTVKGHAKCVEVVKTFNLPLLMLGGGGYTIRNVARCWTYETAVALDCEIPN
ELPYNDYFEYFGPDFKLHISPSNMTNQNTPEYMEKIKQRLFENLRMLP
;
_entity_poly.pdbx_strand_id   A,B,C
#
# COMPACT_ATOMS: atom_id res chain seq x y z
N GLY A 1 -27.40 -20.42 17.59
CA GLY A 1 -26.93 -21.58 18.39
C GLY A 1 -26.31 -22.69 17.53
N LYS A 2 -26.55 -23.95 17.93
CA LYS A 2 -26.12 -25.13 17.18
C LYS A 2 -26.96 -25.27 15.92
N LYS A 3 -26.37 -25.88 14.90
CA LYS A 3 -26.94 -25.94 13.55
C LYS A 3 -26.91 -27.37 13.04
N LYS A 4 -27.91 -27.76 12.24
CA LYS A 4 -27.95 -29.08 11.62
C LYS A 4 -26.92 -29.17 10.49
N VAL A 5 -26.12 -30.24 10.49
CA VAL A 5 -25.05 -30.46 9.51
C VAL A 5 -25.32 -31.77 8.76
N CYS A 6 -25.36 -31.70 7.42
CA CYS A 6 -25.42 -32.87 6.55
C CYS A 6 -24.08 -32.99 5.82
N TYR A 7 -23.54 -34.20 5.79
CA TYR A 7 -22.17 -34.44 5.33
C TYR A 7 -22.21 -35.50 4.23
N TYR A 8 -21.53 -35.24 3.11
CA TYR A 8 -21.57 -36.07 1.91
C TYR A 8 -20.23 -36.75 1.67
N TYR A 9 -20.27 -38.08 1.54
CA TYR A 9 -19.06 -38.88 1.35
C TYR A 9 -19.40 -40.17 0.63
N ASP A 10 -18.57 -40.56 -0.34
CA ASP A 10 -18.63 -41.87 -0.95
C ASP A 10 -17.28 -42.56 -0.71
N GLY A 11 -17.33 -43.73 -0.07
CA GLY A 11 -16.13 -44.54 0.20
C GLY A 11 -15.33 -45.07 -0.99
N ASP A 12 -15.87 -44.98 -2.21
CA ASP A 12 -15.10 -45.24 -3.43
C ASP A 12 -14.15 -44.10 -3.84
N ILE A 13 -14.36 -42.88 -3.33
CA ILE A 13 -13.58 -41.68 -3.73
C ILE A 13 -12.06 -41.87 -3.59
N GLY A 14 -11.62 -42.55 -2.52
CA GLY A 14 -10.20 -42.76 -2.24
C GLY A 14 -9.45 -43.68 -3.20
N ASN A 15 -10.17 -44.49 -3.98
CA ASN A 15 -9.57 -45.45 -4.93
C ASN A 15 -9.21 -44.86 -6.31
N TYR A 16 -9.69 -43.65 -6.64
CA TYR A 16 -9.35 -42.99 -7.91
C TYR A 16 -7.91 -42.47 -7.86
N TYR A 17 -7.18 -42.65 -8.95
CA TYR A 17 -5.73 -42.42 -8.99
C TYR A 17 -5.38 -41.59 -10.22
N TYR A 18 -4.84 -40.39 -10.00
CA TYR A 18 -4.39 -39.51 -11.09
C TYR A 18 -3.16 -40.03 -11.87
N GLY A 19 -2.36 -40.91 -11.25
CA GLY A 19 -1.19 -41.53 -11.87
C GLY A 19 0.07 -41.23 -11.08
N GLN A 20 1.15 -41.92 -11.44
CA GLN A 20 2.44 -41.83 -10.71
C GLN A 20 2.97 -40.40 -10.66
N GLY A 21 3.25 -39.93 -9.43
CA GLY A 21 3.81 -38.60 -9.19
C GLY A 21 2.86 -37.42 -9.22
N HIS A 22 1.58 -37.62 -9.56
CA HIS A 22 0.62 -36.53 -9.64
C HIS A 22 0.23 -36.13 -8.20
N PRO A 23 0.34 -34.83 -7.84
CA PRO A 23 0.14 -34.45 -6.43
C PRO A 23 -1.31 -34.53 -5.89
N MET A 24 -2.33 -34.43 -6.74
CA MET A 24 -3.72 -34.73 -6.33
C MET A 24 -3.92 -36.20 -5.93
N LYS A 25 -4.26 -36.42 -4.67
CA LYS A 25 -4.43 -37.76 -4.07
C LYS A 25 -5.86 -37.83 -3.51
N PRO A 26 -6.84 -38.36 -4.29
CA PRO A 26 -8.22 -38.51 -3.76
C PRO A 26 -8.35 -39.29 -2.44
N HIS A 27 -7.37 -40.16 -2.16
CA HIS A 27 -7.10 -40.79 -0.85
C HIS A 27 -7.21 -39.85 0.38
N ARG A 28 -6.81 -38.58 0.23
CA ARG A 28 -6.93 -37.57 1.30
C ARG A 28 -8.37 -37.37 1.82
N ILE A 29 -9.37 -37.59 0.96
CA ILE A 29 -10.79 -37.52 1.35
C ILE A 29 -11.16 -38.70 2.27
N ARG A 30 -10.68 -39.90 1.94
CA ARG A 30 -10.80 -41.09 2.82
C ARG A 30 -10.10 -40.89 4.16
N MET A 31 -8.89 -40.34 4.14
CA MET A 31 -8.14 -40.01 5.37
C MET A 31 -8.92 -39.05 6.26
N THR A 32 -9.49 -38.01 5.65
CA THR A 32 -10.35 -37.03 6.34
C THR A 32 -11.54 -37.71 7.01
N HIS A 33 -12.26 -38.50 6.21
CA HIS A 33 -13.43 -39.25 6.69
C HIS A 33 -13.10 -40.17 7.86
N ASN A 34 -12.05 -40.96 7.69
CA ASN A 34 -11.62 -41.90 8.73
C ASN A 34 -11.19 -41.19 10.03
N LEU A 35 -10.52 -40.04 9.90
CA LEU A 35 -10.09 -39.28 11.09
C LEU A 35 -11.29 -38.71 11.84
N LEU A 36 -12.20 -38.05 11.12
CA LEU A 36 -13.39 -37.47 11.77
C LEU A 36 -14.36 -38.54 12.33
N LEU A 37 -14.45 -39.71 11.69
CA LEU A 37 -15.17 -40.88 12.27
C LEU A 37 -14.55 -41.33 13.60
N ASN A 38 -13.23 -41.41 13.64
CA ASN A 38 -12.51 -41.79 14.85
C ASN A 38 -12.54 -40.76 15.99
N TYR A 39 -12.81 -39.49 15.67
CA TYR A 39 -13.17 -38.47 16.69
C TYR A 39 -14.62 -38.56 17.23
N GLY A 40 -15.46 -39.42 16.64
CA GLY A 40 -16.87 -39.53 17.01
C GLY A 40 -17.82 -38.53 16.38
N LEU A 41 -17.37 -37.76 15.38
CA LEU A 41 -18.18 -36.67 14.82
C LEU A 41 -19.42 -37.12 14.02
N TYR A 42 -19.44 -38.37 13.55
CA TYR A 42 -20.65 -39.03 13.02
C TYR A 42 -21.89 -39.04 13.95
N ARG A 43 -21.66 -39.03 15.26
CA ARG A 43 -22.75 -38.95 16.26
C ARG A 43 -23.58 -37.66 16.18
N LYS A 44 -22.96 -36.55 15.71
CA LYS A 44 -23.57 -35.22 15.67
C LYS A 44 -24.05 -34.73 14.29
N MET A 45 -23.86 -35.50 13.21
CA MET A 45 -24.32 -35.13 11.85
C MET A 45 -24.89 -36.32 11.07
N GLU A 46 -25.68 -35.98 10.05
CA GLU A 46 -26.27 -36.96 9.13
C GLU A 46 -25.26 -37.18 8.00
N ILE A 47 -24.85 -38.43 7.80
CA ILE A 47 -23.87 -38.79 6.77
C ILE A 47 -24.67 -39.38 5.60
N TYR A 48 -24.50 -38.77 4.41
CA TYR A 48 -25.18 -39.16 3.17
C TYR A 48 -24.14 -39.58 2.14
N ARG A 49 -24.51 -40.55 1.32
CA ARG A 49 -23.71 -40.94 0.16
C ARG A 49 -24.28 -40.18 -1.04
N PRO A 50 -23.44 -39.38 -1.73
CA PRO A 50 -23.95 -38.63 -2.89
C PRO A 50 -24.35 -39.56 -4.02
N HIS A 51 -25.38 -39.18 -4.77
CA HIS A 51 -25.66 -39.79 -6.08
C HIS A 51 -24.55 -39.46 -7.08
N LYS A 52 -24.45 -40.26 -8.13
CA LYS A 52 -23.56 -39.96 -9.25
C LYS A 52 -24.27 -38.95 -10.16
N ALA A 53 -23.78 -37.71 -10.18
CA ALA A 53 -24.37 -36.63 -10.99
C ALA A 53 -24.41 -37.00 -12.47
N THR A 54 -25.54 -36.75 -13.14
CA THR A 54 -25.74 -37.16 -14.53
C THR A 54 -25.22 -36.10 -15.50
N ALA A 55 -25.21 -36.44 -16.78
CA ALA A 55 -24.87 -35.49 -17.86
C ALA A 55 -25.86 -34.31 -17.95
N GLU A 56 -27.15 -34.57 -17.68
CA GLU A 56 -28.17 -33.50 -17.54
C GLU A 56 -27.77 -32.47 -16.47
N GLU A 57 -27.35 -32.97 -15.30
CA GLU A 57 -26.93 -32.10 -14.20
C GLU A 57 -25.68 -31.28 -14.56
N MET A 58 -24.69 -31.93 -15.15
CA MET A 58 -23.42 -31.27 -15.51
C MET A 58 -23.57 -30.23 -16.62
N THR A 59 -24.45 -30.50 -17.60
CA THR A 59 -24.72 -29.56 -18.70
C THR A 59 -25.63 -28.37 -18.35
N LYS A 60 -26.05 -28.24 -17.08
CA LYS A 60 -26.58 -26.97 -16.57
C LYS A 60 -25.53 -25.83 -16.61
N TYR A 61 -24.24 -26.18 -16.58
CA TYR A 61 -23.15 -25.24 -16.84
C TYR A 61 -22.27 -25.61 -18.05
N HIS A 62 -21.74 -26.83 -18.05
CA HIS A 62 -20.76 -27.25 -19.07
C HIS A 62 -21.41 -27.50 -20.43
N SER A 63 -20.61 -27.35 -21.49
CA SER A 63 -21.09 -27.63 -22.84
C SER A 63 -21.35 -29.12 -23.02
N ASP A 64 -22.30 -29.43 -23.91
CA ASP A 64 -22.64 -30.82 -24.23
C ASP A 64 -21.43 -31.59 -24.78
N GLU A 65 -20.65 -30.93 -25.65
CA GLU A 65 -19.47 -31.54 -26.27
C GLU A 65 -18.35 -31.87 -25.27
N TYR A 66 -18.13 -30.99 -24.28
CA TYR A 66 -17.13 -31.23 -23.23
C TYR A 66 -17.52 -32.40 -22.32
N ILE A 67 -18.78 -32.43 -21.88
CA ILE A 67 -19.29 -33.53 -21.03
C ILE A 67 -19.33 -34.86 -21.81
N LYS A 68 -19.71 -34.82 -23.09
CA LYS A 68 -19.65 -36.01 -23.97
C LYS A 68 -18.22 -36.58 -24.05
N PHE A 69 -17.24 -35.69 -24.21
CA PHE A 69 -15.81 -36.06 -24.19
C PHE A 69 -15.39 -36.72 -22.88
N LEU A 70 -15.75 -36.10 -21.75
CA LEU A 70 -15.43 -36.66 -20.43
C LEU A 70 -16.07 -38.04 -20.21
N ARG A 71 -17.30 -38.21 -20.67
CA ARG A 71 -18.01 -39.52 -20.69
C ARG A 71 -17.38 -40.62 -21.55
N SER A 72 -16.65 -40.23 -22.59
CA SER A 72 -16.08 -41.14 -23.59
C SER A 72 -14.59 -41.48 -23.39
N ILE A 73 -13.79 -40.49 -22.97
CA ILE A 73 -12.33 -40.61 -22.91
C ILE A 73 -11.85 -41.62 -21.84
N ARG A 74 -10.97 -42.53 -22.25
CA ARG A 74 -10.41 -43.59 -21.39
C ARG A 74 -8.92 -43.77 -21.71
N PRO A 75 -8.11 -44.33 -20.77
CA PRO A 75 -6.70 -44.65 -21.08
C PRO A 75 -6.46 -45.56 -22.30
N ASP A 76 -7.35 -46.53 -22.51
CA ASP A 76 -7.29 -47.43 -23.68
C ASP A 76 -7.60 -46.78 -25.05
N ASN A 77 -8.37 -45.67 -25.09
CA ASN A 77 -8.74 -44.99 -26.35
C ASN A 77 -8.13 -43.57 -26.57
N MET A 78 -7.08 -43.21 -25.81
CA MET A 78 -6.48 -41.83 -25.84
C MET A 78 -5.96 -41.37 -27.20
N SER A 79 -5.35 -42.29 -27.95
CA SER A 79 -4.85 -41.99 -29.31
C SER A 79 -5.93 -41.54 -30.30
N GLU A 80 -7.16 -42.05 -30.13
CA GLU A 80 -8.31 -41.68 -30.97
C GLU A 80 -8.85 -40.25 -30.73
N TYR A 81 -8.63 -39.71 -29.52
CA TYR A 81 -9.11 -38.38 -29.11
C TYR A 81 -7.98 -37.33 -28.95
N SER A 82 -6.93 -37.42 -29.77
CA SER A 82 -5.76 -36.52 -29.67
C SER A 82 -6.10 -35.03 -29.82
N LYS A 83 -6.99 -34.72 -30.77
CA LYS A 83 -7.47 -33.35 -31.01
C LYS A 83 -8.32 -32.80 -29.87
N GLN A 84 -9.30 -33.59 -29.43
CA GLN A 84 -10.22 -33.19 -28.34
C GLN A 84 -9.53 -33.03 -26.98
N MET A 85 -8.56 -33.90 -26.67
CA MET A 85 -7.70 -33.78 -25.48
C MET A 85 -7.01 -32.41 -25.37
N GLN A 86 -6.47 -31.93 -26.48
CA GLN A 86 -5.86 -30.59 -26.56
C GLN A 86 -6.92 -29.49 -26.40
N ARG A 87 -8.01 -29.60 -27.16
CA ARG A 87 -9.16 -28.67 -27.11
C ARG A 87 -9.71 -28.49 -25.68
N PHE A 88 -9.92 -29.61 -24.99
CA PHE A 88 -10.49 -29.62 -23.62
C PHE A 88 -9.45 -29.59 -22.47
N ASN A 89 -8.16 -29.44 -22.79
CA ASN A 89 -7.06 -29.34 -21.82
C ASN A 89 -6.95 -30.56 -20.88
N VAL A 90 -7.05 -31.75 -21.48
CA VAL A 90 -6.94 -33.02 -20.79
C VAL A 90 -5.70 -33.75 -21.34
N GLY A 91 -5.00 -34.48 -20.46
CA GLY A 91 -3.82 -35.30 -20.80
C GLY A 91 -2.47 -34.94 -20.16
N GLU A 92 -2.40 -33.84 -19.40
CA GLU A 92 -1.15 -33.39 -18.75
C GLU A 92 -1.39 -33.14 -17.23
N ASP A 93 -1.68 -31.90 -16.81
CA ASP A 93 -2.08 -31.62 -15.41
C ASP A 93 -3.43 -32.25 -15.04
N CYS A 94 -4.31 -32.38 -16.04
CA CYS A 94 -5.61 -33.02 -15.90
C CYS A 94 -5.57 -34.32 -16.71
N PRO A 95 -4.94 -35.40 -16.17
CA PRO A 95 -4.74 -36.60 -16.99
C PRO A 95 -6.02 -37.42 -17.21
N VAL A 96 -5.95 -38.33 -18.19
CA VAL A 96 -6.96 -39.37 -18.38
C VAL A 96 -6.54 -40.49 -17.43
N PHE A 97 -7.45 -40.88 -16.54
CA PHE A 97 -7.25 -42.05 -15.67
C PHE A 97 -8.52 -42.88 -15.60
N ASP A 98 -8.37 -44.14 -15.18
CA ASP A 98 -9.49 -45.10 -15.09
C ASP A 98 -10.59 -44.55 -14.17
N GLY A 99 -11.82 -44.51 -14.68
CA GLY A 99 -12.96 -43.99 -13.91
C GLY A 99 -13.03 -42.49 -13.73
N LEU A 100 -12.35 -41.72 -14.60
CA LEU A 100 -12.38 -40.24 -14.59
C LEU A 100 -13.79 -39.68 -14.52
N PHE A 101 -14.69 -40.17 -15.37
CA PHE A 101 -16.05 -39.64 -15.41
C PHE A 101 -16.80 -39.93 -14.10
N GLU A 102 -16.73 -41.16 -13.60
CA GLU A 102 -17.32 -41.52 -12.29
C GLU A 102 -16.79 -40.66 -11.13
N PHE A 103 -15.49 -40.37 -11.14
CA PHE A 103 -14.86 -39.44 -10.18
C PHE A 103 -15.51 -38.04 -10.24
N CYS A 104 -15.71 -37.51 -11.45
CA CYS A 104 -16.44 -36.24 -11.65
C CYS A 104 -17.88 -36.32 -11.12
N GLN A 105 -18.55 -37.44 -11.36
CA GLN A 105 -19.93 -37.66 -10.89
C GLN A 105 -20.06 -37.65 -9.37
N LEU A 106 -19.07 -38.25 -8.69
CA LEU A 106 -19.04 -38.31 -7.20
C LEU A 106 -18.80 -36.96 -6.55
N SER A 107 -17.77 -36.25 -6.98
CA SER A 107 -17.45 -34.91 -6.44
C SER A 107 -18.59 -33.91 -6.70
N THR A 108 -19.17 -33.96 -7.90
CA THR A 108 -20.31 -33.11 -8.28
C THR A 108 -21.58 -33.45 -7.50
N GLY A 109 -21.87 -34.75 -7.37
CA GLY A 109 -23.06 -35.24 -6.68
C GLY A 109 -23.23 -34.74 -5.26
N GLY A 110 -22.14 -34.74 -4.49
CA GLY A 110 -22.14 -34.22 -3.11
C GLY A 110 -22.49 -32.74 -3.01
N SER A 111 -21.96 -31.93 -3.93
CA SER A 111 -22.19 -30.48 -3.93
C SER A 111 -23.62 -30.11 -4.31
N VAL A 112 -24.11 -30.70 -5.40
CA VAL A 112 -25.50 -30.46 -5.83
C VAL A 112 -26.54 -31.05 -4.86
N ALA A 113 -26.28 -32.25 -4.32
CA ALA A 113 -27.14 -32.83 -3.25
C ALA A 113 -27.20 -31.93 -2.02
N GLY A 114 -26.05 -31.42 -1.59
CA GLY A 114 -25.96 -30.44 -0.50
C GLY A 114 -26.77 -29.18 -0.76
N ALA A 115 -26.66 -28.64 -1.98
CA ALA A 115 -27.45 -27.47 -2.41
C ALA A 115 -28.96 -27.71 -2.35
N VAL A 116 -29.41 -28.88 -2.83
CA VAL A 116 -30.83 -29.26 -2.77
C VAL A 116 -31.31 -29.35 -1.31
N LYS A 117 -30.51 -29.99 -0.46
CA LYS A 117 -30.79 -30.09 0.98
C LYS A 117 -30.97 -28.71 1.65
N LEU A 118 -30.09 -27.76 1.31
CA LEU A 118 -30.18 -26.37 1.80
C LEU A 118 -31.42 -25.64 1.26
N ASN A 119 -31.69 -25.76 -0.05
CA ASN A 119 -32.91 -25.20 -0.68
C ASN A 119 -34.22 -25.70 -0.07
N ARG A 120 -34.24 -26.99 0.29
CA ARG A 120 -35.41 -27.58 0.98
C ARG A 120 -35.55 -27.21 2.47
N GLN A 121 -34.57 -26.48 3.03
CA GLN A 121 -34.54 -26.04 4.44
C GLN A 121 -34.52 -27.24 5.42
N GLN A 122 -33.87 -28.33 4.98
CA GLN A 122 -33.72 -29.56 5.76
C GLN A 122 -32.35 -29.66 6.45
N THR A 123 -31.47 -28.71 6.19
CA THR A 123 -30.22 -28.57 6.92
C THR A 123 -29.80 -27.09 6.94
N ASP A 124 -28.97 -26.75 7.92
CA ASP A 124 -28.32 -25.43 8.02
C ASP A 124 -26.99 -25.40 7.29
N MET A 125 -26.22 -26.49 7.42
CA MET A 125 -24.94 -26.65 6.70
C MET A 125 -24.92 -27.96 5.92
N ALA A 126 -24.32 -27.91 4.73
CA ALA A 126 -24.01 -29.10 3.95
C ALA A 126 -22.51 -29.10 3.69
N VAL A 127 -21.88 -30.26 3.85
CA VAL A 127 -20.42 -30.40 3.74
C VAL A 127 -20.10 -31.46 2.67
N ASN A 128 -19.30 -31.07 1.68
CA ASN A 128 -18.75 -32.00 0.68
C ASN A 128 -17.26 -31.74 0.49
N TRP A 129 -16.44 -32.42 1.28
CA TRP A 129 -14.98 -32.26 1.18
C TRP A 129 -14.37 -32.74 -0.13
N ALA A 130 -15.04 -33.66 -0.85
CA ALA A 130 -14.62 -34.07 -2.20
C ALA A 130 -14.82 -33.00 -3.30
N GLY A 131 -15.61 -31.96 -3.02
CA GLY A 131 -15.86 -30.87 -3.98
C GLY A 131 -14.90 -29.69 -3.87
N GLY A 132 -15.35 -28.55 -4.37
CA GLY A 132 -14.53 -27.34 -4.47
C GLY A 132 -13.59 -27.25 -5.65
N LEU A 133 -14.00 -27.78 -6.81
CA LEU A 133 -13.15 -27.87 -8.01
C LEU A 133 -13.24 -26.58 -8.81
N HIS A 134 -12.67 -25.54 -8.23
CA HIS A 134 -12.94 -24.16 -8.67
C HIS A 134 -12.34 -23.72 -10.00
N HIS A 135 -11.39 -24.50 -10.55
CA HIS A 135 -10.72 -24.17 -11.82
C HIS A 135 -11.42 -24.62 -13.10
N ALA A 136 -12.33 -25.59 -13.02
CA ALA A 136 -12.96 -26.13 -14.23
C ALA A 136 -13.82 -25.07 -14.92
N LYS A 137 -13.73 -25.02 -16.25
CA LYS A 137 -14.40 -24.03 -17.07
C LYS A 137 -15.54 -24.70 -17.85
N LYS A 138 -16.36 -23.88 -18.52
CA LYS A 138 -17.51 -24.37 -19.31
C LYS A 138 -17.16 -25.53 -20.24
N SER A 139 -16.08 -25.37 -21.01
CA SER A 139 -15.63 -26.39 -21.99
C SER A 139 -14.13 -26.67 -21.87
N GLU A 140 -13.62 -26.74 -20.64
CA GLU A 140 -12.18 -26.93 -20.42
C GLU A 140 -11.88 -27.45 -19.01
N ALA A 141 -11.09 -28.51 -18.93
CA ALA A 141 -10.44 -28.90 -17.67
C ALA A 141 -9.30 -27.92 -17.36
N SER A 142 -8.98 -27.78 -16.08
CA SER A 142 -7.88 -26.91 -15.65
C SER A 142 -7.47 -27.20 -14.22
N GLY A 143 -6.16 -27.16 -13.94
CA GLY A 143 -5.63 -27.23 -12.58
C GLY A 143 -6.10 -28.43 -11.76
N PHE A 144 -6.10 -29.60 -12.39
CA PHE A 144 -6.59 -30.88 -11.85
C PHE A 144 -8.13 -31.04 -11.76
N CYS A 145 -8.91 -30.03 -12.18
CA CYS A 145 -10.37 -29.99 -12.09
C CYS A 145 -10.97 -30.23 -13.47
N TYR A 146 -12.00 -31.07 -13.55
CA TYR A 146 -12.70 -31.35 -14.80
C TYR A 146 -14.12 -30.78 -14.80
N VAL A 147 -14.89 -31.03 -13.75
CA VAL A 147 -16.28 -30.55 -13.62
C VAL A 147 -16.34 -29.61 -12.42
N ASN A 148 -16.75 -28.38 -12.67
CA ASN A 148 -17.02 -27.37 -11.65
C ASN A 148 -18.29 -27.63 -10.84
N ASP A 149 -18.13 -28.47 -9.80
CA ASP A 149 -19.20 -28.73 -8.81
C ASP A 149 -19.76 -27.47 -8.12
N ILE A 150 -18.92 -26.45 -7.94
CA ILE A 150 -19.28 -25.22 -7.25
C ILE A 150 -20.29 -24.44 -8.08
N VAL A 151 -19.98 -24.24 -9.36
CA VAL A 151 -20.87 -23.51 -10.29
C VAL A 151 -22.23 -24.20 -10.34
N LEU A 152 -22.20 -25.53 -10.47
CA LEU A 152 -23.43 -26.34 -10.48
C LEU A 152 -24.24 -26.22 -9.19
N ALA A 153 -23.55 -26.25 -8.04
CA ALA A 153 -24.21 -26.08 -6.73
C ALA A 153 -24.82 -24.69 -6.56
N ILE A 154 -24.09 -23.65 -7.00
CA ILE A 154 -24.60 -22.27 -6.98
C ILE A 154 -25.83 -22.10 -7.89
N LEU A 155 -25.79 -22.68 -9.09
CA LEU A 155 -26.97 -22.69 -9.97
C LEU A 155 -28.19 -23.35 -9.33
N GLU A 156 -27.96 -24.41 -8.54
CA GLU A 156 -29.01 -25.04 -7.74
C GLU A 156 -29.57 -24.08 -6.67
N LEU A 157 -28.67 -23.42 -5.92
CA LEU A 157 -29.08 -22.43 -4.90
C LEU A 157 -29.86 -21.25 -5.49
N LEU A 158 -29.46 -20.80 -6.69
CA LEU A 158 -30.15 -19.71 -7.39
C LEU A 158 -31.61 -19.98 -7.80
N LYS A 159 -32.04 -21.24 -7.81
CA LYS A 159 -33.48 -21.57 -7.94
C LYS A 159 -34.33 -21.00 -6.79
N TYR A 160 -33.77 -20.99 -5.57
CA TYR A 160 -34.46 -20.49 -4.37
C TYR A 160 -33.90 -19.23 -3.69
N HIS A 161 -32.71 -18.77 -4.12
CA HIS A 161 -32.01 -17.65 -3.49
C HIS A 161 -31.71 -16.56 -4.52
N GLN A 162 -32.18 -15.33 -4.25
CA GLN A 162 -31.92 -14.20 -5.15
C GLN A 162 -30.43 -13.86 -5.26
N ARG A 163 -29.73 -13.88 -4.12
CA ARG A 163 -28.31 -13.54 -4.00
C ARG A 163 -27.56 -14.64 -3.26
N VAL A 164 -26.49 -15.16 -3.89
CA VAL A 164 -25.62 -16.18 -3.30
C VAL A 164 -24.22 -15.61 -3.18
N LEU A 165 -23.58 -15.79 -2.02
CA LEU A 165 -22.20 -15.35 -1.79
C LEU A 165 -21.26 -16.56 -1.88
N TYR A 166 -20.23 -16.44 -2.71
CA TYR A 166 -19.16 -17.45 -2.82
C TYR A 166 -17.87 -16.87 -2.21
N ILE A 167 -17.28 -17.62 -1.27
CA ILE A 167 -16.03 -17.24 -0.57
C ILE A 167 -15.02 -18.37 -0.78
N ASP A 168 -13.78 -18.00 -1.11
CA ASP A 168 -12.76 -18.94 -1.57
C ASP A 168 -11.44 -18.68 -0.84
N ILE A 169 -11.06 -19.58 0.08
CA ILE A 169 -9.81 -19.49 0.85
C ILE A 169 -8.72 -20.50 0.41
N ASP A 170 -8.96 -21.22 -0.68
CA ASP A 170 -7.90 -21.91 -1.45
C ASP A 170 -6.76 -20.91 -1.75
N ILE A 171 -5.50 -21.36 -1.74
CA ILE A 171 -4.38 -20.47 -2.11
C ILE A 171 -4.46 -19.91 -3.55
N HIS A 172 -5.16 -20.63 -4.45
CA HIS A 172 -5.31 -20.21 -5.84
C HIS A 172 -6.59 -19.40 -6.04
N HIS A 173 -6.54 -18.55 -7.07
CA HIS A 173 -7.72 -17.77 -7.49
C HIS A 173 -8.86 -18.69 -7.94
N GLY A 174 -10.07 -18.44 -7.47
CA GLY A 174 -11.28 -19.17 -7.88
C GLY A 174 -11.78 -18.73 -9.24
N ASP A 175 -10.98 -19.03 -10.26
CA ASP A 175 -11.15 -18.44 -11.61
C ASP A 175 -12.37 -18.98 -12.37
N GLY A 176 -12.61 -20.29 -12.29
CA GLY A 176 -13.77 -20.90 -12.95
C GLY A 176 -15.10 -20.42 -12.38
N VAL A 177 -15.15 -20.24 -11.06
CA VAL A 177 -16.36 -19.76 -10.37
C VAL A 177 -16.58 -18.28 -10.69
N GLU A 178 -15.51 -17.47 -10.59
CA GLU A 178 -15.57 -16.06 -10.95
C GLU A 178 -16.01 -15.84 -12.40
N GLU A 179 -15.42 -16.59 -13.34
CA GLU A 179 -15.74 -16.47 -14.77
C GLU A 179 -17.22 -16.76 -15.07
N ALA A 180 -17.73 -17.85 -14.50
CA ALA A 180 -19.13 -18.27 -14.68
C ALA A 180 -20.13 -17.19 -14.31
N PHE A 181 -19.86 -16.46 -13.22
CA PHE A 181 -20.76 -15.43 -12.68
C PHE A 181 -20.25 -13.99 -12.81
N TYR A 182 -19.31 -13.76 -13.73
CA TYR A 182 -18.62 -12.46 -13.86
C TYR A 182 -19.54 -11.30 -14.30
N THR A 183 -20.59 -11.63 -15.06
CA THR A 183 -21.53 -10.64 -15.59
C THR A 183 -22.92 -10.67 -14.90
N THR A 184 -23.00 -11.23 -13.68
CA THR A 184 -24.25 -11.21 -12.90
C THR A 184 -24.01 -10.68 -11.49
N ASP A 185 -25.02 -9.95 -11.00
CA ASP A 185 -25.11 -9.51 -9.59
C ASP A 185 -25.78 -10.55 -8.65
N ARG A 186 -26.27 -11.66 -9.20
CA ARG A 186 -26.91 -12.72 -8.40
C ARG A 186 -25.95 -13.66 -7.67
N VAL A 187 -24.66 -13.64 -8.05
CA VAL A 187 -23.59 -14.29 -7.29
C VAL A 187 -22.47 -13.28 -7.08
N MET A 188 -22.11 -13.03 -5.82
CA MET A 188 -20.87 -12.31 -5.48
C MET A 188 -19.79 -13.35 -5.22
N THR A 189 -18.68 -13.26 -5.95
CA THR A 189 -17.51 -14.15 -5.74
C THR A 189 -16.40 -13.38 -5.03
N VAL A 190 -15.89 -13.95 -3.93
CA VAL A 190 -14.84 -13.33 -3.10
C VAL A 190 -13.69 -14.34 -2.98
N SER A 191 -12.56 -14.06 -3.61
CA SER A 191 -11.38 -14.94 -3.57
C SER A 191 -10.20 -14.25 -2.88
N PHE A 192 -9.59 -14.96 -1.94
CA PHE A 192 -8.32 -14.60 -1.31
C PHE A 192 -7.31 -15.61 -1.87
N HIS A 193 -6.17 -15.14 -2.35
CA HIS A 193 -5.22 -16.02 -3.06
C HIS A 193 -3.85 -15.39 -3.24
N LYS A 194 -2.86 -16.25 -3.44
CA LYS A 194 -1.54 -15.82 -3.90
C LYS A 194 -1.68 -15.29 -5.33
N TYR A 195 -1.08 -14.14 -5.59
CA TYR A 195 -1.12 -13.50 -6.89
C TYR A 195 0.28 -13.00 -7.25
N GLY A 196 0.74 -13.36 -8.46
CA GLY A 196 2.07 -12.99 -8.97
C GLY A 196 2.92 -14.21 -9.23
N GLU A 197 3.19 -14.51 -10.50
CA GLU A 197 4.00 -15.68 -10.92
C GLU A 197 3.46 -16.98 -10.32
N TYR A 198 2.14 -17.16 -10.46
CA TYR A 198 1.41 -18.23 -9.79
C TYR A 198 0.12 -18.57 -10.52
N PHE A 199 -0.19 -19.86 -10.57
CA PHE A 199 -1.40 -20.39 -11.20
C PHE A 199 -2.65 -19.82 -10.51
N PRO A 200 -3.72 -19.51 -11.29
CA PRO A 200 -3.91 -19.54 -12.75
C PRO A 200 -3.54 -18.24 -13.48
N GLY A 201 -2.97 -17.25 -12.79
CA GLY A 201 -2.56 -15.97 -13.38
C GLY A 201 -3.58 -14.84 -13.31
N THR A 202 -4.79 -15.13 -12.80
CA THR A 202 -5.91 -14.17 -12.72
C THR A 202 -6.19 -13.79 -11.26
N GLY A 203 -7.19 -12.94 -11.04
CA GLY A 203 -7.54 -12.47 -9.69
C GLY A 203 -6.74 -11.27 -9.22
N ASP A 204 -6.43 -10.35 -10.14
CA ASP A 204 -5.91 -9.02 -9.78
C ASP A 204 -7.05 -8.31 -9.01
N LEU A 205 -6.70 -7.46 -8.04
CA LEU A 205 -7.76 -6.71 -7.32
C LEU A 205 -8.56 -5.76 -8.23
N ARG A 206 -7.96 -5.33 -9.35
CA ARG A 206 -8.68 -4.56 -10.38
C ARG A 206 -9.71 -5.36 -11.21
N ASP A 207 -9.73 -6.68 -11.12
CA ASP A 207 -10.79 -7.51 -11.71
C ASP A 207 -12.00 -7.48 -10.77
N ILE A 208 -13.03 -6.70 -11.14
CA ILE A 208 -14.18 -6.40 -10.28
C ILE A 208 -15.56 -6.85 -10.83
N GLY A 209 -15.56 -7.56 -11.96
CA GLY A 209 -16.77 -7.93 -12.68
C GLY A 209 -17.00 -7.05 -13.90
N ALA A 210 -18.05 -7.38 -14.65
CA ALA A 210 -18.42 -6.69 -15.89
C ALA A 210 -19.93 -6.61 -16.04
N GLY A 211 -20.41 -5.56 -16.72
CA GLY A 211 -21.85 -5.34 -16.96
C GLY A 211 -22.65 -5.25 -15.66
N LYS A 212 -23.76 -5.98 -15.61
CA LYS A 212 -24.55 -6.16 -14.37
C LYS A 212 -23.74 -6.73 -13.20
N GLY A 213 -22.70 -7.51 -13.51
CA GLY A 213 -21.76 -8.02 -12.51
C GLY A 213 -20.67 -7.08 -12.02
N LYS A 214 -20.59 -5.83 -12.51
CA LYS A 214 -19.56 -4.88 -12.06
C LYS A 214 -19.73 -4.61 -10.56
N TYR A 215 -18.63 -4.77 -9.82
CA TYR A 215 -18.56 -4.73 -8.34
C TYR A 215 -19.02 -6.01 -7.60
N TYR A 216 -19.35 -7.08 -8.33
CA TYR A 216 -19.76 -8.37 -7.73
C TYR A 216 -18.71 -9.48 -7.89
N ALA A 217 -17.48 -9.12 -8.25
CA ALA A 217 -16.30 -9.99 -8.10
C ALA A 217 -15.31 -9.23 -7.23
N VAL A 218 -14.78 -9.90 -6.21
CA VAL A 218 -13.86 -9.32 -5.23
C VAL A 218 -12.64 -10.22 -5.20
N ASN A 219 -11.44 -9.62 -5.33
CA ASN A 219 -10.19 -10.36 -5.35
C ASN A 219 -9.21 -9.71 -4.39
N PHE A 220 -8.69 -10.49 -3.43
CA PHE A 220 -7.68 -10.05 -2.47
C PHE A 220 -6.37 -10.78 -2.83
N PRO A 221 -5.50 -10.13 -3.64
CA PRO A 221 -4.22 -10.75 -3.99
C PRO A 221 -3.21 -10.66 -2.84
N MET A 222 -2.48 -11.75 -2.62
CA MET A 222 -1.55 -11.91 -1.51
C MET A 222 -0.19 -12.40 -2.01
N ARG A 223 0.84 -12.17 -1.20
CA ARG A 223 2.20 -12.66 -1.41
C ARG A 223 2.46 -13.91 -0.59
N ASP A 224 3.64 -14.51 -0.80
CA ASP A 224 4.10 -15.65 -0.02
C ASP A 224 4.07 -15.41 1.48
N GLY A 225 3.77 -16.47 2.22
CA GLY A 225 4.01 -16.54 3.65
C GLY A 225 3.01 -15.87 4.57
N ILE A 226 1.78 -15.62 4.10
CA ILE A 226 0.74 -15.07 4.98
C ILE A 226 0.50 -16.03 6.16
N ASP A 227 0.33 -15.45 7.33
CA ASP A 227 0.17 -16.19 8.60
C ASP A 227 -1.22 -15.93 9.18
N ASP A 228 -1.54 -16.61 10.28
CA ASP A 228 -2.86 -16.53 10.93
C ASP A 228 -3.26 -15.09 11.31
N GLU A 229 -2.33 -14.36 11.92
CA GLU A 229 -2.53 -12.96 12.33
C GLU A 229 -2.93 -12.05 11.15
N SER A 230 -2.12 -12.09 10.09
CA SER A 230 -2.35 -11.28 8.88
C SER A 230 -3.65 -11.63 8.14
N TYR A 231 -3.95 -12.92 8.06
CA TYR A 231 -5.19 -13.41 7.41
C TYR A 231 -6.43 -13.01 8.24
N GLY A 232 -6.39 -13.30 9.54
CA GLY A 232 -7.49 -13.01 10.47
C GLY A 232 -7.87 -11.53 10.60
N GLN A 233 -6.88 -10.65 10.46
CA GLN A 233 -7.11 -9.20 10.51
C GLN A 233 -7.76 -8.58 9.25
N ILE A 234 -7.74 -9.28 8.10
CA ILE A 234 -8.53 -8.86 6.92
C ILE A 234 -9.79 -9.67 6.62
N PHE A 235 -9.86 -10.93 7.05
CA PHE A 235 -10.93 -11.83 6.60
C PHE A 235 -12.28 -11.38 7.16
N LYS A 236 -12.38 -11.26 8.48
CA LYS A 236 -13.63 -10.84 9.13
C LYS A 236 -14.14 -9.45 8.69
N PRO A 237 -13.24 -8.43 8.66
CA PRO A 237 -13.66 -7.12 8.10
C PRO A 237 -14.21 -7.15 6.66
N ILE A 238 -13.53 -7.88 5.76
CA ILE A 238 -13.98 -8.00 4.36
C ILE A 238 -15.33 -8.73 4.29
N ILE A 239 -15.44 -9.89 4.95
CA ILE A 239 -16.67 -10.68 4.90
C ILE A 239 -17.84 -9.93 5.59
N SER A 240 -17.57 -9.28 6.72
CA SER A 240 -18.61 -8.44 7.39
C SER A 240 -19.14 -7.34 6.48
N LYS A 241 -18.24 -6.65 5.78
CA LYS A 241 -18.63 -5.59 4.84
C LYS A 241 -19.40 -6.16 3.63
N VAL A 242 -18.93 -7.29 3.11
CA VAL A 242 -19.63 -8.02 2.03
C VAL A 242 -21.04 -8.42 2.46
N MET A 243 -21.17 -8.98 3.65
CA MET A 243 -22.49 -9.36 4.21
C MET A 243 -23.41 -8.15 4.37
N GLU A 244 -22.85 -7.04 4.87
CA GLU A 244 -23.60 -5.78 5.05
C GLU A 244 -24.15 -5.23 3.73
N MET A 245 -23.28 -5.12 2.72
CA MET A 245 -23.63 -4.49 1.44
C MET A 245 -24.43 -5.41 0.51
N TYR A 246 -24.02 -6.67 0.41
CA TYR A 246 -24.63 -7.61 -0.55
C TYR A 246 -25.88 -8.33 -0.02
N GLN A 247 -25.90 -8.64 1.28
CA GLN A 247 -27.05 -9.28 1.95
C GLN A 247 -27.50 -10.59 1.25
N PRO A 248 -26.57 -11.56 1.13
CA PRO A 248 -26.92 -12.84 0.50
C PRO A 248 -27.85 -13.65 1.40
N SER A 249 -28.64 -14.53 0.79
CA SER A 249 -29.48 -15.48 1.54
C SER A 249 -28.89 -16.89 1.59
N ALA A 250 -27.80 -17.15 0.87
CA ALA A 250 -27.02 -18.41 0.99
C ALA A 250 -25.54 -18.16 0.73
N VAL A 251 -24.70 -19.03 1.29
CA VAL A 251 -23.25 -18.91 1.21
C VAL A 251 -22.63 -20.24 0.78
N VAL A 252 -21.64 -20.17 -0.11
CA VAL A 252 -20.79 -21.30 -0.49
C VAL A 252 -19.37 -20.93 -0.06
N LEU A 253 -18.76 -21.75 0.79
CA LEU A 253 -17.38 -21.54 1.26
C LEU A 253 -16.48 -22.67 0.75
N GLN A 254 -15.56 -22.32 -0.15
CA GLN A 254 -14.57 -23.25 -0.66
C GLN A 254 -13.40 -23.19 0.34
N CYS A 255 -13.08 -24.33 0.97
CA CYS A 255 -12.09 -24.42 2.04
C CYS A 255 -10.79 -25.11 1.61
N GLY A 256 -10.31 -24.77 0.42
CA GLY A 256 -9.06 -25.34 -0.12
C GLY A 256 -7.94 -25.27 0.90
N ALA A 257 -7.35 -26.44 1.20
CA ALA A 257 -6.33 -26.59 2.25
C ALA A 257 -4.89 -26.42 1.76
N ASP A 258 -4.72 -26.07 0.48
CA ASP A 258 -3.40 -25.68 -0.08
C ASP A 258 -2.88 -24.30 0.37
N SER A 259 -3.73 -23.54 1.09
CA SER A 259 -3.32 -22.34 1.83
C SER A 259 -2.69 -22.62 3.22
N LEU A 260 -2.60 -23.88 3.66
CA LEU A 260 -1.91 -24.23 4.91
C LEU A 260 -0.40 -24.21 4.78
N SER A 261 0.26 -23.86 5.89
CA SER A 261 1.71 -24.03 6.11
C SER A 261 2.16 -25.45 5.76
N GLY A 262 3.29 -25.55 5.06
CA GLY A 262 3.87 -26.83 4.67
C GLY A 262 3.20 -27.58 3.51
N ASP A 263 2.28 -26.94 2.78
CA ASP A 263 1.66 -27.59 1.62
C ASP A 263 2.73 -27.78 0.53
N ARG A 264 2.70 -28.95 -0.11
CA ARG A 264 3.67 -29.31 -1.15
C ARG A 264 3.73 -28.33 -2.32
N LEU A 265 2.57 -27.81 -2.72
CA LEU A 265 2.44 -26.86 -3.83
C LEU A 265 2.16 -25.39 -3.44
N GLY A 266 1.79 -25.15 -2.19
CA GLY A 266 1.51 -23.80 -1.68
C GLY A 266 2.71 -23.15 -1.01
N CYS A 267 2.68 -21.83 -0.91
N CYS A 267 2.66 -21.82 -0.91
CA CYS A 267 3.65 -21.03 -0.14
CA CYS A 267 3.63 -21.02 -0.16
C CYS A 267 3.01 -20.06 0.86
C CYS A 267 3.00 -20.06 0.85
N PHE A 268 1.88 -20.45 1.47
CA PHE A 268 1.26 -19.70 2.60
C PHE A 268 1.72 -20.36 3.90
N ASN A 269 1.44 -19.69 5.03
CA ASN A 269 1.86 -20.17 6.35
C ASN A 269 0.71 -20.19 7.37
N LEU A 270 -0.49 -20.56 6.93
CA LEU A 270 -1.64 -20.69 7.84
C LEU A 270 -1.59 -22.00 8.62
N THR A 271 -1.98 -21.96 9.88
CA THR A 271 -2.26 -23.18 10.66
C THR A 271 -3.70 -23.63 10.39
N VAL A 272 -4.05 -24.80 10.93
CA VAL A 272 -5.43 -25.30 10.88
C VAL A 272 -6.38 -24.36 11.64
N LYS A 273 -5.95 -23.83 12.79
CA LYS A 273 -6.76 -22.86 13.54
C LYS A 273 -7.00 -21.57 12.75
N GLY A 274 -5.97 -21.04 12.09
CA GLY A 274 -6.11 -19.85 11.23
C GLY A 274 -7.02 -20.07 10.03
N HIS A 275 -6.87 -21.21 9.39
CA HIS A 275 -7.72 -21.61 8.25
C HIS A 275 -9.17 -21.75 8.72
N ALA A 276 -9.36 -22.46 9.84
CA ALA A 276 -10.69 -22.71 10.41
C ALA A 276 -11.40 -21.49 11.00
N LYS A 277 -10.64 -20.47 11.42
CA LYS A 277 -11.23 -19.15 11.80
C LYS A 277 -12.13 -18.58 10.72
N CYS A 278 -11.80 -18.81 9.44
CA CYS A 278 -12.65 -18.43 8.31
C CYS A 278 -14.02 -19.10 8.31
N VAL A 279 -14.05 -20.40 8.64
CA VAL A 279 -15.31 -21.15 8.79
C VAL A 279 -16.13 -20.56 9.95
N GLU A 280 -15.48 -20.32 11.08
CA GLU A 280 -16.12 -19.70 12.27
C GLU A 280 -16.77 -18.35 11.95
N VAL A 281 -16.03 -17.50 11.22
CA VAL A 281 -16.52 -16.16 10.78
C VAL A 281 -17.78 -16.26 9.90
N VAL A 282 -17.72 -17.11 8.88
CA VAL A 282 -18.83 -17.28 7.93
C VAL A 282 -20.06 -17.86 8.66
N LYS A 283 -19.82 -18.85 9.51
CA LYS A 283 -20.87 -19.48 10.31
C LYS A 283 -21.63 -18.54 11.27
N THR A 284 -20.98 -17.50 11.80
CA THR A 284 -21.65 -16.53 12.70
C THR A 284 -22.83 -15.77 12.05
N PHE A 285 -22.78 -15.60 10.73
CA PHE A 285 -23.87 -14.93 9.99
C PHE A 285 -25.19 -15.72 9.89
N ASN A 286 -25.18 -17.00 10.25
CA ASN A 286 -26.40 -17.82 10.38
C ASN A 286 -27.22 -17.91 9.07
N LEU A 287 -26.51 -18.03 7.94
CA LEU A 287 -27.11 -18.24 6.63
C LEU A 287 -26.92 -19.70 6.22
N PRO A 288 -27.83 -20.25 5.37
CA PRO A 288 -27.59 -21.55 4.71
C PRO A 288 -26.20 -21.61 4.08
N LEU A 289 -25.42 -22.63 4.44
CA LEU A 289 -23.99 -22.68 4.13
C LEU A 289 -23.61 -24.02 3.51
N LEU A 290 -23.00 -23.97 2.32
CA LEU A 290 -22.40 -25.14 1.67
C LEU A 290 -20.89 -25.02 1.83
N MET A 291 -20.28 -25.95 2.58
CA MET A 291 -18.83 -25.99 2.76
C MET A 291 -18.23 -27.07 1.86
N LEU A 292 -17.19 -26.70 1.11
CA LEU A 292 -16.58 -27.55 0.11
C LEU A 292 -15.08 -27.64 0.37
N GLY A 293 -14.48 -28.69 -0.19
CA GLY A 293 -13.03 -28.85 -0.15
C GLY A 293 -12.34 -27.98 -1.17
N GLY A 294 -11.29 -28.52 -1.77
CA GLY A 294 -10.46 -27.77 -2.71
C GLY A 294 -9.09 -28.40 -2.78
N GLY A 295 -8.07 -27.56 -3.00
CA GLY A 295 -6.70 -28.03 -3.04
C GLY A 295 -6.20 -28.51 -1.68
N GLY A 296 -5.01 -29.09 -1.68
CA GLY A 296 -4.33 -29.56 -0.48
C GLY A 296 -3.51 -30.78 -0.87
N TYR A 297 -2.19 -30.65 -0.73
CA TYR A 297 -1.20 -31.59 -1.27
C TYR A 297 -0.26 -32.20 -0.23
N THR A 298 -0.23 -31.69 1.01
CA THR A 298 0.39 -32.40 2.16
C THR A 298 -0.76 -33.06 2.91
N ILE A 299 -1.02 -34.32 2.56
CA ILE A 299 -2.35 -34.91 2.82
C ILE A 299 -2.69 -35.14 4.29
N ARG A 300 -1.68 -35.38 5.14
CA ARG A 300 -1.88 -35.38 6.60
C ARG A 300 -2.51 -34.07 7.12
N ASN A 301 -2.05 -32.93 6.61
CA ASN A 301 -2.58 -31.62 7.02
C ASN A 301 -3.95 -31.32 6.45
N VAL A 302 -4.23 -31.83 5.25
CA VAL A 302 -5.58 -31.75 4.65
C VAL A 302 -6.60 -32.47 5.55
N ALA A 303 -6.26 -33.69 5.95
CA ALA A 303 -7.13 -34.49 6.85
C ALA A 303 -7.36 -33.80 8.20
N ARG A 304 -6.29 -33.26 8.78
CA ARG A 304 -6.40 -32.43 10.00
C ARG A 304 -7.33 -31.26 9.83
N CYS A 305 -7.12 -30.51 8.76
CA CYS A 305 -7.83 -29.26 8.50
C CYS A 305 -9.34 -29.47 8.35
N TRP A 306 -9.71 -30.40 7.49
CA TRP A 306 -11.12 -30.68 7.23
C TRP A 306 -11.84 -31.42 8.36
N THR A 307 -11.11 -32.24 9.12
CA THR A 307 -11.62 -32.82 10.36
C THR A 307 -11.96 -31.72 11.36
N TYR A 308 -11.01 -30.82 11.60
CA TYR A 308 -11.23 -29.69 12.52
C TYR A 308 -12.37 -28.76 12.06
N GLU A 309 -12.44 -28.48 10.76
CA GLU A 309 -13.51 -27.62 10.21
C GLU A 309 -14.89 -28.27 10.23
N THR A 310 -14.95 -29.61 10.16
CA THR A 310 -16.19 -30.35 10.45
C THR A 310 -16.60 -30.18 11.92
N ALA A 311 -15.63 -30.30 12.83
CA ALA A 311 -15.85 -30.06 14.27
C ALA A 311 -16.34 -28.62 14.54
N VAL A 312 -15.74 -27.64 13.86
CA VAL A 312 -16.17 -26.22 13.93
C VAL A 312 -17.62 -26.06 13.46
N ALA A 313 -17.97 -26.67 12.33
CA ALA A 313 -19.36 -26.67 11.81
C ALA A 313 -20.37 -27.24 12.82
N LEU A 314 -19.96 -28.27 13.55
CA LEU A 314 -20.77 -28.89 14.61
C LEU A 314 -20.76 -28.20 16.00
N ASP A 315 -19.94 -27.16 16.19
CA ASP A 315 -19.61 -26.61 17.54
C ASP A 315 -19.18 -27.70 18.53
N CYS A 316 -18.30 -28.58 18.06
N CYS A 316 -18.30 -28.58 18.08
CA CYS A 316 -17.76 -29.71 18.84
CA CYS A 316 -17.80 -29.70 18.85
C CYS A 316 -16.30 -29.44 19.11
C CYS A 316 -16.31 -29.48 19.11
N GLU A 317 -15.94 -29.35 20.38
CA GLU A 317 -14.53 -29.29 20.80
C GLU A 317 -13.98 -30.72 20.69
N ILE A 318 -12.84 -30.88 20.03
CA ILE A 318 -12.17 -32.17 19.90
C ILE A 318 -10.74 -32.04 20.41
N PRO A 319 -10.21 -33.11 21.05
CA PRO A 319 -8.86 -33.02 21.61
C PRO A 319 -7.76 -32.91 20.56
N ASN A 320 -6.65 -32.29 20.95
CA ASN A 320 -5.48 -32.16 20.08
C ASN A 320 -4.76 -33.50 19.88
N GLU A 321 -4.78 -34.37 20.90
CA GLU A 321 -4.30 -35.78 20.78
C GLU A 321 -5.16 -36.48 19.72
N LEU A 322 -4.53 -36.95 18.64
CA LEU A 322 -5.26 -37.65 17.57
C LEU A 322 -5.71 -39.02 18.06
N PRO A 323 -6.97 -39.41 17.76
CA PRO A 323 -7.39 -40.75 18.07
C PRO A 323 -6.74 -41.74 17.10
N TYR A 324 -6.64 -43.00 17.50
CA TYR A 324 -6.18 -44.04 16.57
C TYR A 324 -7.10 -44.10 15.36
N ASN A 325 -6.52 -44.37 14.20
CA ASN A 325 -7.25 -44.40 12.94
C ASN A 325 -6.48 -45.26 11.92
N ASP A 326 -7.10 -45.51 10.77
CA ASP A 326 -6.49 -46.36 9.71
C ASP A 326 -5.21 -45.77 9.09
N TYR A 327 -5.00 -44.47 9.24
CA TYR A 327 -3.85 -43.75 8.66
C TYR A 327 -2.99 -43.06 9.73
N PHE A 328 -3.00 -43.61 10.96
CA PHE A 328 -2.33 -43.01 12.13
C PHE A 328 -0.86 -42.66 11.88
N GLU A 329 -0.13 -43.56 11.23
CA GLU A 329 1.28 -43.33 10.81
C GLU A 329 1.54 -42.09 9.93
N TYR A 330 0.54 -41.63 9.18
CA TYR A 330 0.66 -40.42 8.34
C TYR A 330 0.83 -39.15 9.20
N PHE A 331 0.35 -39.18 10.45
CA PHE A 331 0.34 -38.03 11.34
C PHE A 331 1.54 -37.92 12.28
N GLY A 332 2.54 -38.79 12.12
CA GLY A 332 3.80 -38.64 12.83
C GLY A 332 4.59 -37.42 12.35
N PRO A 333 5.63 -37.02 13.10
CA PRO A 333 6.10 -37.62 14.36
C PRO A 333 5.30 -37.25 15.64
N ASP A 334 4.37 -36.28 15.55
CA ASP A 334 3.69 -35.69 16.71
C ASP A 334 2.35 -36.35 17.07
N PHE A 335 1.61 -36.83 16.05
CA PHE A 335 0.26 -37.41 16.23
C PHE A 335 -0.73 -36.46 16.93
N LYS A 336 -0.64 -35.18 16.56
CA LYS A 336 -1.52 -34.11 17.06
C LYS A 336 -2.35 -33.58 15.90
N LEU A 337 -3.49 -32.98 16.25
CA LEU A 337 -4.41 -32.41 15.26
C LEU A 337 -3.86 -31.11 14.68
N HIS A 338 -3.37 -30.23 15.55
CA HIS A 338 -2.98 -28.88 15.16
C HIS A 338 -1.52 -28.82 14.73
N ILE A 339 -1.24 -27.88 13.83
CA ILE A 339 0.08 -27.73 13.20
C ILE A 339 0.70 -26.39 13.61
N SER A 340 2.03 -26.36 13.62
CA SER A 340 2.78 -25.14 13.87
C SER A 340 3.07 -24.47 12.53
N PRO A 341 3.12 -23.11 12.52
CA PRO A 341 3.59 -22.44 11.31
C PRO A 341 5.11 -22.59 11.17
N SER A 342 5.61 -22.44 9.94
CA SER A 342 7.05 -22.42 9.67
C SER A 342 7.64 -21.04 9.98
N ASN A 343 8.97 -20.95 9.89
CA ASN A 343 9.71 -19.68 10.02
C ASN A 343 9.86 -18.90 8.70
N MET A 344 9.11 -19.25 7.65
CA MET A 344 9.16 -18.53 6.37
C MET A 344 8.73 -17.07 6.55
N THR A 345 9.34 -16.19 5.76
CA THR A 345 9.06 -14.76 5.84
C THR A 345 7.65 -14.48 5.32
N ASN A 346 6.92 -13.64 6.04
CA ASN A 346 5.64 -13.14 5.58
C ASN A 346 5.94 -11.90 4.73
N GLN A 347 5.81 -12.07 3.42
CA GLN A 347 5.97 -10.95 2.47
C GLN A 347 4.78 -9.98 2.44
N ASN A 348 3.66 -10.35 3.07
CA ASN A 348 2.48 -9.49 3.22
C ASN A 348 2.64 -8.63 4.47
N THR A 349 3.09 -7.39 4.26
CA THR A 349 3.28 -6.46 5.38
C THR A 349 1.91 -6.06 5.92
N PRO A 350 1.84 -5.65 7.22
CA PRO A 350 0.57 -5.10 7.75
C PRO A 350 -0.02 -3.92 6.95
N GLU A 351 0.85 -3.08 6.39
CA GLU A 351 0.45 -1.92 5.58
C GLU A 351 -0.15 -2.36 4.25
N TYR A 352 0.48 -3.35 3.60
CA TYR A 352 -0.05 -3.96 2.38
C TYR A 352 -1.47 -4.52 2.61
N MET A 353 -1.64 -5.30 3.67
CA MET A 353 -2.95 -5.92 3.98
C MET A 353 -4.04 -4.87 4.17
N GLU A 354 -3.75 -3.83 4.96
CA GLU A 354 -4.70 -2.73 5.18
C GLU A 354 -4.97 -1.93 3.91
N LYS A 355 -3.94 -1.70 3.09
CA LYS A 355 -4.10 -0.96 1.82
C LYS A 355 -5.02 -1.69 0.83
N ILE A 356 -4.81 -3.00 0.65
CA ILE A 356 -5.66 -3.81 -0.24
C ILE A 356 -7.10 -3.85 0.31
N LYS A 357 -7.25 -4.04 1.63
CA LYS A 357 -8.56 -3.96 2.31
C LYS A 357 -9.30 -2.64 2.04
N GLN A 358 -8.60 -1.52 2.15
CA GLN A 358 -9.21 -0.20 1.89
C GLN A 358 -9.65 -0.04 0.43
N ARG A 359 -8.85 -0.53 -0.53
CA ARG A 359 -9.25 -0.50 -1.95
C ARG A 359 -10.47 -1.37 -2.28
N LEU A 360 -10.57 -2.53 -1.64
CA LEU A 360 -11.78 -3.37 -1.78
C LEU A 360 -12.99 -2.73 -1.09
N PHE A 361 -12.78 -2.08 0.06
CA PHE A 361 -13.85 -1.29 0.72
C PHE A 361 -14.41 -0.18 -0.19
N GLU A 362 -13.55 0.51 -0.95
CA GLU A 362 -14.00 1.51 -1.95
C GLU A 362 -14.96 0.91 -2.98
N ASN A 363 -14.60 -0.26 -3.49
CA ASN A 363 -15.43 -0.98 -4.46
C ASN A 363 -16.76 -1.45 -3.86
N LEU A 364 -16.74 -1.92 -2.61
CA LEU A 364 -17.98 -2.32 -1.91
C LEU A 364 -18.97 -1.17 -1.62
N ARG A 365 -18.47 0.07 -1.52
CA ARG A 365 -19.35 1.27 -1.46
C ARG A 365 -20.17 1.54 -2.74
N MET A 366 -19.74 0.97 -3.88
CA MET A 366 -20.49 1.08 -5.15
C MET A 366 -21.69 0.15 -5.31
N LEU A 367 -21.90 -0.76 -4.35
CA LEU A 367 -23.11 -1.61 -4.31
C LEU A 367 -24.33 -0.77 -3.87
N PRO A 368 -25.55 -1.12 -4.34
CA PRO A 368 -26.73 -0.29 -4.03
C PRO A 368 -27.29 -0.47 -2.63
N LYS B 3 6.57 15.20 -28.74
CA LYS B 3 7.94 14.62 -28.83
C LYS B 3 7.87 13.09 -28.64
N LYS B 4 8.58 12.35 -29.48
CA LYS B 4 8.53 10.88 -29.51
C LYS B 4 9.57 10.30 -28.53
N VAL B 5 9.15 9.32 -27.74
CA VAL B 5 9.99 8.69 -26.70
C VAL B 5 10.10 7.20 -26.99
N CYS B 6 11.33 6.68 -27.07
N CYS B 6 11.34 6.71 -27.07
CA CYS B 6 11.55 5.24 -27.07
CA CYS B 6 11.67 5.27 -27.17
C CYS B 6 12.27 4.82 -25.83
C CYS B 6 12.27 4.83 -25.83
N TYR B 7 12.12 3.55 -25.50
CA TYR B 7 12.47 3.01 -24.17
C TYR B 7 12.96 1.58 -24.32
N TYR B 8 14.08 1.27 -23.67
CA TYR B 8 14.73 -0.05 -23.78
C TYR B 8 14.62 -0.81 -22.48
N TYR B 9 14.21 -2.08 -22.58
CA TYR B 9 14.09 -2.97 -21.41
C TYR B 9 14.17 -4.42 -21.86
N ASP B 10 15.02 -5.22 -21.21
CA ASP B 10 15.03 -6.67 -21.38
C ASP B 10 14.47 -7.30 -20.12
N GLY B 11 13.49 -8.19 -20.30
CA GLY B 11 12.85 -8.93 -19.19
C GLY B 11 13.74 -9.77 -18.30
N ASP B 12 14.94 -10.13 -18.75
CA ASP B 12 15.94 -10.82 -17.92
C ASP B 12 16.85 -9.93 -17.08
N ILE B 13 16.82 -8.61 -17.28
CA ILE B 13 17.75 -7.69 -16.60
C ILE B 13 17.68 -7.80 -15.06
N GLY B 14 16.47 -8.00 -14.52
CA GLY B 14 16.26 -8.19 -13.10
C GLY B 14 16.71 -9.50 -12.46
N ASN B 15 17.06 -10.50 -13.27
CA ASN B 15 17.52 -11.81 -12.79
C ASN B 15 19.04 -11.91 -12.53
N TYR B 16 19.82 -10.94 -12.99
CA TYR B 16 21.27 -10.91 -12.75
C TYR B 16 21.49 -10.46 -11.32
N TYR B 17 22.35 -11.17 -10.59
CA TYR B 17 22.48 -11.03 -9.15
C TYR B 17 23.95 -10.84 -8.78
N TYR B 18 24.27 -9.70 -8.16
CA TYR B 18 25.65 -9.41 -7.73
C TYR B 18 26.17 -10.28 -6.59
N GLY B 19 25.26 -10.85 -5.79
CA GLY B 19 25.58 -11.74 -4.68
C GLY B 19 25.04 -11.22 -3.37
N GLN B 20 25.04 -12.08 -2.36
CA GLN B 20 24.48 -11.76 -1.04
C GLN B 20 25.16 -10.54 -0.41
N GLY B 21 24.35 -9.57 0.01
CA GLY B 21 24.85 -8.34 0.65
C GLY B 21 25.29 -7.21 -0.28
N HIS B 22 25.37 -7.46 -1.59
CA HIS B 22 25.84 -6.43 -2.53
C HIS B 22 24.71 -5.42 -2.78
N PRO B 23 24.96 -4.12 -2.59
CA PRO B 23 23.85 -3.14 -2.68
C PRO B 23 23.26 -2.91 -4.09
N MET B 24 24.02 -3.12 -5.15
CA MET B 24 23.48 -3.14 -6.53
C MET B 24 22.50 -4.28 -6.77
N LYS B 25 21.24 -3.93 -7.04
CA LYS B 25 20.13 -4.85 -7.20
C LYS B 25 19.50 -4.61 -8.59
N PRO B 26 19.94 -5.35 -9.63
CA PRO B 26 19.30 -5.21 -10.97
C PRO B 26 17.76 -5.36 -11.01
N HIS B 27 17.21 -6.09 -10.03
CA HIS B 27 15.76 -6.14 -9.75
C HIS B 27 15.04 -4.76 -9.73
N ARG B 28 15.74 -3.71 -9.29
CA ARG B 28 15.20 -2.35 -9.33
C ARG B 28 14.75 -1.88 -10.73
N ILE B 29 15.42 -2.37 -11.77
CA ILE B 29 15.07 -2.05 -13.17
C ILE B 29 13.72 -2.70 -13.53
N ARG B 30 13.52 -3.95 -13.10
CA ARG B 30 12.24 -4.66 -13.25
C ARG B 30 11.11 -3.98 -12.47
N MET B 31 11.41 -3.56 -11.23
CA MET B 31 10.43 -2.81 -10.43
C MET B 31 9.99 -1.52 -11.13
N THR B 32 10.96 -0.78 -11.66
CA THR B 32 10.71 0.43 -12.46
C THR B 32 9.78 0.13 -13.63
N HIS B 33 10.16 -0.88 -14.43
CA HIS B 33 9.37 -1.30 -15.60
C HIS B 33 7.93 -1.67 -15.25
N ASN B 34 7.78 -2.50 -14.22
CA ASN B 34 6.44 -2.96 -13.82
C ASN B 34 5.57 -1.82 -13.28
N LEU B 35 6.17 -0.88 -12.54
CA LEU B 35 5.44 0.26 -12.04
C LEU B 35 4.95 1.16 -13.19
N LEU B 36 5.84 1.50 -14.11
CA LEU B 36 5.44 2.35 -15.26
C LEU B 36 4.45 1.66 -16.22
N LEU B 37 4.53 0.33 -16.38
CA LEU B 37 3.49 -0.43 -17.08
C LEU B 37 2.12 -0.31 -16.41
N ASN B 38 2.08 -0.43 -15.09
CA ASN B 38 0.83 -0.33 -14.34
C ASN B 38 0.25 1.09 -14.24
N TYR B 39 1.09 2.11 -14.44
CA TYR B 39 0.63 3.49 -14.69
C TYR B 39 0.04 3.72 -16.10
N GLY B 40 0.26 2.78 -17.03
CA GLY B 40 -0.24 2.87 -18.39
C GLY B 40 0.66 3.63 -19.36
N LEU B 41 1.92 3.90 -18.97
CA LEU B 41 2.83 4.72 -19.77
C LEU B 41 3.31 4.05 -21.05
N TYR B 42 3.24 2.71 -21.12
CA TYR B 42 3.46 1.95 -22.37
C TYR B 42 2.60 2.42 -23.57
N ARG B 43 1.38 2.90 -23.30
CA ARG B 43 0.47 3.46 -24.33
C ARG B 43 1.06 4.62 -25.14
N LYS B 44 1.95 5.41 -24.52
CA LYS B 44 2.53 6.64 -25.08
C LYS B 44 3.99 6.54 -25.57
N MET B 45 4.64 5.37 -25.47
CA MET B 45 6.03 5.21 -25.97
C MET B 45 6.26 3.87 -26.68
N GLU B 46 7.32 3.84 -27.48
CA GLU B 46 7.78 2.63 -28.15
C GLU B 46 8.70 1.93 -27.18
N ILE B 47 8.38 0.68 -26.84
CA ILE B 47 9.19 -0.13 -25.94
C ILE B 47 9.92 -1.16 -26.81
N TYR B 48 11.24 -1.19 -26.69
CA TYR B 48 12.09 -2.14 -27.40
C TYR B 48 12.86 -2.98 -26.41
N ARG B 49 13.20 -4.19 -26.86
CA ARG B 49 14.15 -5.03 -26.17
C ARG B 49 15.54 -4.66 -26.72
N PRO B 50 16.54 -4.42 -25.84
CA PRO B 50 17.89 -4.20 -26.35
C PRO B 50 18.48 -5.47 -26.96
N HIS B 51 19.30 -5.31 -27.98
CA HIS B 51 20.23 -6.36 -28.42
C HIS B 51 21.33 -6.57 -27.37
N LYS B 52 22.00 -7.72 -27.45
CA LYS B 52 23.21 -7.95 -26.66
C LYS B 52 24.36 -7.29 -27.39
N ALA B 53 24.89 -6.20 -26.84
CA ALA B 53 26.01 -5.46 -27.46
C ALA B 53 27.19 -6.39 -27.71
N THR B 54 27.77 -6.30 -28.89
CA THR B 54 28.83 -7.21 -29.32
C THR B 54 30.16 -6.75 -28.76
N ALA B 55 31.14 -7.66 -28.77
CA ALA B 55 32.54 -7.32 -28.48
C ALA B 55 33.06 -6.17 -29.37
N GLU B 56 32.71 -6.22 -30.65
CA GLU B 56 32.95 -5.13 -31.63
C GLU B 56 32.44 -3.76 -31.16
N GLU B 57 31.20 -3.73 -30.67
CA GLU B 57 30.63 -2.50 -30.11
C GLU B 57 31.37 -2.02 -28.86
N MET B 58 31.64 -2.94 -27.93
CA MET B 58 32.30 -2.57 -26.65
C MET B 58 33.74 -2.13 -26.82
N THR B 59 34.46 -2.73 -27.77
CA THR B 59 35.84 -2.35 -28.06
C THR B 59 36.01 -1.05 -28.88
N LYS B 60 34.91 -0.37 -29.24
CA LYS B 60 35.00 1.03 -29.71
C LYS B 60 35.58 1.97 -28.64
N TYR B 61 35.41 1.61 -27.36
CA TYR B 61 36.11 2.28 -26.25
C TYR B 61 37.07 1.36 -25.48
N HIS B 62 36.55 0.24 -24.97
CA HIS B 62 37.34 -0.62 -24.07
C HIS B 62 38.41 -1.39 -24.79
N SER B 63 39.45 -1.76 -24.05
CA SER B 63 40.53 -2.57 -24.60
C SER B 63 40.04 -3.98 -24.93
N ASP B 64 40.64 -4.56 -25.96
CA ASP B 64 40.26 -5.89 -26.45
C ASP B 64 40.51 -6.97 -25.38
N GLU B 65 41.63 -6.85 -24.67
CA GLU B 65 41.97 -7.76 -23.56
C GLU B 65 40.97 -7.70 -22.38
N TYR B 66 40.54 -6.50 -22.02
CA TYR B 66 39.54 -6.33 -20.95
C TYR B 66 38.18 -6.97 -21.30
N ILE B 67 37.70 -6.72 -22.52
CA ILE B 67 36.43 -7.31 -22.98
C ILE B 67 36.55 -8.84 -23.14
N LYS B 68 37.67 -9.33 -23.66
CA LYS B 68 37.93 -10.78 -23.72
C LYS B 68 37.90 -11.43 -22.32
N PHE B 69 38.48 -10.74 -21.33
CA PHE B 69 38.41 -11.19 -19.93
C PHE B 69 36.98 -11.24 -19.40
N LEU B 70 36.22 -10.17 -19.61
CA LEU B 70 34.79 -10.15 -19.20
C LEU B 70 33.95 -11.25 -19.87
N ARG B 71 34.25 -11.56 -21.13
CA ARG B 71 33.59 -12.66 -21.87
C ARG B 71 34.01 -14.07 -21.40
N SER B 72 35.15 -14.17 -20.71
CA SER B 72 35.72 -15.45 -20.22
C SER B 72 35.44 -15.77 -18.75
N ILE B 73 35.47 -14.75 -17.89
CA ILE B 73 35.44 -14.93 -16.43
C ILE B 73 34.08 -15.45 -15.91
N ARG B 74 34.12 -16.53 -15.13
CA ARG B 74 32.91 -17.13 -14.52
C ARG B 74 33.23 -17.55 -13.09
N PRO B 75 32.19 -17.72 -12.22
CA PRO B 75 32.45 -18.22 -10.87
C PRO B 75 33.23 -19.55 -10.79
N ASP B 76 32.94 -20.49 -11.70
CA ASP B 76 33.63 -21.79 -11.75
C ASP B 76 35.09 -21.80 -12.31
N ASN B 77 35.58 -20.68 -12.87
CA ASN B 77 36.99 -20.57 -13.32
C ASN B 77 37.83 -19.40 -12.71
N MET B 78 37.32 -18.73 -11.66
CA MET B 78 38.01 -17.61 -10.98
C MET B 78 39.44 -17.89 -10.53
N SER B 79 39.68 -19.11 -10.03
CA SER B 79 41.03 -19.55 -9.62
C SER B 79 42.06 -19.51 -10.74
N GLU B 80 41.65 -19.85 -11.97
CA GLU B 80 42.51 -19.78 -13.17
C GLU B 80 42.84 -18.33 -13.61
N TYR B 81 41.98 -17.37 -13.27
CA TYR B 81 42.08 -15.97 -13.71
C TYR B 81 42.46 -14.97 -12.59
N SER B 82 43.12 -15.42 -11.52
CA SER B 82 43.44 -14.55 -10.36
C SER B 82 44.25 -13.29 -10.71
N LYS B 83 45.24 -13.44 -11.59
CA LYS B 83 46.09 -12.32 -12.04
C LYS B 83 45.33 -11.30 -12.90
N GLN B 84 44.50 -11.80 -13.82
CA GLN B 84 43.65 -10.93 -14.66
C GLN B 84 42.55 -10.23 -13.85
N MET B 85 41.96 -10.94 -12.88
CA MET B 85 41.01 -10.32 -11.92
C MET B 85 41.61 -9.09 -11.21
N GLN B 86 42.84 -9.22 -10.74
CA GLN B 86 43.61 -8.11 -10.17
C GLN B 86 43.82 -6.95 -11.17
N ARG B 87 44.32 -7.29 -12.36
CA ARG B 87 44.58 -6.30 -13.44
C ARG B 87 43.34 -5.49 -13.82
N PHE B 88 42.22 -6.18 -13.99
CA PHE B 88 40.96 -5.57 -14.43
C PHE B 88 40.01 -5.15 -13.30
N ASN B 89 40.43 -5.30 -12.03
CA ASN B 89 39.68 -4.85 -10.84
C ASN B 89 38.28 -5.51 -10.71
N VAL B 90 38.24 -6.81 -10.97
CA VAL B 90 37.03 -7.62 -10.87
C VAL B 90 37.27 -8.64 -9.74
N GLY B 91 36.29 -8.78 -8.84
CA GLY B 91 36.33 -9.78 -7.76
C GLY B 91 35.87 -9.34 -6.38
N GLU B 92 35.90 -8.03 -6.09
CA GLU B 92 35.52 -7.46 -4.79
C GLU B 92 34.21 -6.66 -4.97
N ASP B 93 34.25 -5.31 -5.01
CA ASP B 93 33.05 -4.47 -5.24
C ASP B 93 32.44 -4.64 -6.65
N CYS B 94 33.24 -5.07 -7.63
CA CYS B 94 32.76 -5.47 -8.95
C CYS B 94 32.92 -7.00 -9.01
N PRO B 95 31.96 -7.76 -8.43
CA PRO B 95 32.16 -9.21 -8.31
C PRO B 95 32.00 -9.98 -9.62
N VAL B 96 32.44 -11.24 -9.59
CA VAL B 96 32.18 -12.20 -10.65
C VAL B 96 30.86 -12.88 -10.27
N PHE B 97 29.87 -12.78 -11.16
CA PHE B 97 28.59 -13.49 -11.00
C PHE B 97 28.16 -14.15 -12.32
N ASP B 98 27.26 -15.12 -12.20
CA ASP B 98 26.71 -15.86 -13.36
C ASP B 98 26.02 -14.90 -14.34
N GLY B 99 26.39 -14.99 -15.61
CA GLY B 99 25.85 -14.09 -16.65
C GLY B 99 26.35 -12.66 -16.63
N LEU B 100 27.51 -12.40 -15.99
CA LEU B 100 28.13 -11.07 -15.96
C LEU B 100 28.26 -10.45 -17.34
N PHE B 101 28.77 -11.21 -18.31
CA PHE B 101 28.98 -10.65 -19.64
C PHE B 101 27.65 -10.30 -20.31
N GLU B 102 26.69 -11.22 -20.30
CA GLU B 102 25.32 -10.95 -20.78
C GLU B 102 24.69 -9.68 -20.17
N PHE B 103 24.86 -9.52 -18.86
CA PHE B 103 24.39 -8.34 -18.13
C PHE B 103 25.00 -7.05 -18.70
N CYS B 104 26.31 -7.06 -18.91
CA CYS B 104 27.03 -5.96 -19.59
C CYS B 104 26.49 -5.70 -21.00
N GLN B 105 26.25 -6.77 -21.75
CA GLN B 105 25.74 -6.67 -23.13
C GLN B 105 24.34 -6.04 -23.20
N LEU B 106 23.46 -6.41 -22.27
CA LEU B 106 22.09 -5.87 -22.24
C LEU B 106 22.01 -4.42 -21.78
N SER B 107 22.75 -4.07 -20.73
CA SER B 107 22.80 -2.68 -20.24
C SER B 107 23.40 -1.74 -21.29
N THR B 108 24.49 -2.17 -21.91
CA THR B 108 25.14 -1.43 -23.01
C THR B 108 24.28 -1.36 -24.28
N GLY B 109 23.65 -2.48 -24.65
CA GLY B 109 22.82 -2.55 -25.86
C GLY B 109 21.72 -1.50 -25.92
N GLY B 110 21.06 -1.27 -24.78
CA GLY B 110 20.02 -0.23 -24.64
C GLY B 110 20.52 1.18 -24.93
N SER B 111 21.73 1.51 -24.44
CA SER B 111 22.31 2.83 -24.62
C SER B 111 22.77 3.11 -26.05
N VAL B 112 23.50 2.15 -26.63
CA VAL B 112 23.98 2.25 -28.00
C VAL B 112 22.79 2.22 -29.00
N ALA B 113 21.82 1.34 -28.78
CA ALA B 113 20.60 1.30 -29.60
C ALA B 113 19.84 2.64 -29.56
N GLY B 114 19.69 3.21 -28.36
CA GLY B 114 19.08 4.53 -28.18
C GLY B 114 19.80 5.64 -28.93
N ALA B 115 21.13 5.66 -28.82
CA ALA B 115 21.97 6.62 -29.57
C ALA B 115 21.78 6.52 -31.09
N VAL B 116 21.71 5.28 -31.61
CA VAL B 116 21.46 5.03 -33.03
C VAL B 116 20.09 5.58 -33.46
N LYS B 117 19.06 5.34 -32.64
CA LYS B 117 17.70 5.87 -32.91
C LYS B 117 17.66 7.40 -32.98
N LEU B 118 18.38 8.05 -32.06
CA LEU B 118 18.54 9.52 -32.07
C LEU B 118 19.27 10.02 -33.32
N ASN B 119 20.40 9.39 -33.65
CA ASN B 119 21.18 9.70 -34.89
C ASN B 119 20.36 9.59 -36.19
N ARG B 120 19.55 8.54 -36.26
CA ARG B 120 18.65 8.31 -37.40
C ARG B 120 17.35 9.17 -37.40
N GLN B 121 17.18 10.04 -36.39
CA GLN B 121 16.03 10.95 -36.25
C GLN B 121 14.67 10.23 -36.21
N GLN B 122 14.69 9.04 -35.63
CA GLN B 122 13.51 8.18 -35.45
C GLN B 122 12.85 8.38 -34.08
N THR B 123 13.55 9.05 -33.16
CA THR B 123 13.00 9.46 -31.89
C THR B 123 13.60 10.80 -31.43
N ASP B 124 12.91 11.46 -30.51
CA ASP B 124 13.39 12.69 -29.86
C ASP B 124 14.07 12.39 -28.53
N MET B 125 13.54 11.39 -27.80
CA MET B 125 14.14 10.90 -26.57
C MET B 125 14.29 9.38 -26.62
N ALA B 126 15.41 8.89 -26.09
CA ALA B 126 15.65 7.47 -25.89
C ALA B 126 15.94 7.26 -24.41
N VAL B 127 15.37 6.22 -23.82
CA VAL B 127 15.50 5.94 -22.37
C VAL B 127 16.07 4.53 -22.19
N ASN B 128 17.12 4.42 -21.39
CA ASN B 128 17.64 3.12 -20.95
C ASN B 128 17.99 3.18 -19.46
N TRP B 129 17.03 2.81 -18.61
CA TRP B 129 17.26 2.82 -17.15
C TRP B 129 18.27 1.78 -16.68
N ALA B 130 18.52 0.72 -17.46
CA ALA B 130 19.60 -0.24 -17.15
C ALA B 130 21.02 0.30 -17.32
N GLY B 131 21.18 1.38 -18.08
CA GLY B 131 22.49 2.00 -18.34
C GLY B 131 22.91 3.06 -17.32
N GLY B 132 23.80 3.94 -17.75
CA GLY B 132 24.42 4.96 -16.89
C GLY B 132 25.57 4.52 -15.99
N LEU B 133 26.38 3.57 -16.48
CA LEU B 133 27.47 2.95 -15.71
C LEU B 133 28.74 3.80 -15.82
N HIS B 134 28.67 4.97 -15.19
CA HIS B 134 29.66 6.04 -15.43
C HIS B 134 31.08 5.84 -14.87
N HIS B 135 31.28 4.86 -13.98
CA HIS B 135 32.60 4.59 -13.39
C HIS B 135 33.53 3.69 -14.20
N ALA B 136 32.99 2.88 -15.12
CA ALA B 136 33.80 1.90 -15.86
C ALA B 136 34.85 2.61 -16.70
N LYS B 137 36.06 2.06 -16.70
CA LYS B 137 37.22 2.65 -17.36
C LYS B 137 37.59 1.81 -18.57
N LYS B 138 38.51 2.35 -19.39
CA LYS B 138 38.93 1.69 -20.64
C LYS B 138 39.31 0.22 -20.45
N SER B 139 40.10 -0.06 -19.41
CA SER B 139 40.63 -1.39 -19.14
C SER B 139 40.45 -1.83 -17.68
N GLU B 140 39.43 -1.32 -16.98
CA GLU B 140 39.12 -1.82 -15.63
C GLU B 140 37.69 -1.52 -15.19
N ALA B 141 37.16 -2.43 -14.38
CA ALA B 141 35.88 -2.22 -13.70
C ALA B 141 36.11 -1.26 -12.53
N SER B 142 35.04 -0.60 -12.11
CA SER B 142 35.09 0.31 -10.95
C SER B 142 33.68 0.62 -10.47
N GLY B 143 33.48 0.69 -9.16
CA GLY B 143 32.23 1.19 -8.58
C GLY B 143 30.97 0.46 -9.02
N PHE B 144 31.08 -0.87 -9.12
CA PHE B 144 30.00 -1.77 -9.58
C PHE B 144 29.77 -1.79 -11.10
N CYS B 145 30.57 -1.03 -11.87
CA CYS B 145 30.41 -0.85 -13.31
C CYS B 145 31.52 -1.61 -14.04
N TYR B 146 31.16 -2.33 -15.10
CA TYR B 146 32.15 -3.09 -15.90
C TYR B 146 32.36 -2.47 -17.28
N VAL B 147 31.27 -2.21 -18.00
CA VAL B 147 31.29 -1.63 -19.35
C VAL B 147 30.59 -0.27 -19.29
N ASN B 148 31.35 0.77 -19.62
CA ASN B 148 30.84 2.13 -19.81
C ASN B 148 29.95 2.31 -21.04
N ASP B 149 28.68 1.97 -20.86
CA ASP B 149 27.62 2.22 -21.87
C ASP B 149 27.48 3.68 -22.30
N ILE B 150 27.79 4.61 -21.38
CA ILE B 150 27.65 6.06 -21.64
C ILE B 150 28.69 6.52 -22.66
N VAL B 151 29.94 6.13 -22.44
CA VAL B 151 31.05 6.48 -23.35
C VAL B 151 30.75 5.89 -24.74
N LEU B 152 30.27 4.64 -24.78
CA LEU B 152 29.92 3.98 -26.05
C LEU B 152 28.76 4.67 -26.77
N ALA B 153 27.73 5.07 -26.02
CA ALA B 153 26.60 5.84 -26.57
C ALA B 153 27.02 7.21 -27.11
N ILE B 154 27.89 7.92 -26.39
CA ILE B 154 28.44 9.22 -26.82
C ILE B 154 29.29 9.07 -28.10
N LEU B 155 30.16 8.06 -28.14
CA LEU B 155 30.91 7.73 -29.37
C LEU B 155 29.99 7.48 -30.58
N GLU B 156 28.85 6.83 -30.35
CA GLU B 156 27.83 6.66 -31.40
C GLU B 156 27.23 8.00 -31.83
N LEU B 157 26.85 8.84 -30.85
CA LEU B 157 26.34 10.20 -31.16
C LEU B 157 27.34 11.09 -31.90
N LEU B 158 28.61 10.99 -31.52
CA LEU B 158 29.70 11.74 -32.19
C LEU B 158 29.91 11.42 -33.68
N LYS B 159 29.37 10.30 -34.17
CA LYS B 159 29.31 10.04 -35.62
C LYS B 159 28.51 11.10 -36.38
N TYR B 160 27.41 11.57 -35.80
CA TYR B 160 26.48 12.55 -36.40
C TYR B 160 26.49 13.96 -35.77
N HIS B 161 27.04 14.10 -34.56
CA HIS B 161 26.95 15.35 -33.77
C HIS B 161 28.34 15.87 -33.48
N GLN B 162 28.61 17.11 -33.91
CA GLN B 162 29.90 17.76 -33.67
C GLN B 162 30.17 17.97 -32.18
N ARG B 163 29.15 18.40 -31.45
CA ARG B 163 29.22 18.68 -30.01
C ARG B 163 28.11 17.94 -29.26
N VAL B 164 28.49 17.15 -28.26
CA VAL B 164 27.57 16.39 -27.42
C VAL B 164 27.75 16.85 -25.98
N LEU B 165 26.64 17.10 -25.28
CA LEU B 165 26.67 17.50 -23.88
C LEU B 165 26.30 16.31 -23.00
N TYR B 166 27.13 16.02 -22.00
CA TYR B 166 26.87 15.00 -21.00
C TYR B 166 26.57 15.68 -19.67
N ILE B 167 25.45 15.32 -19.05
CA ILE B 167 25.01 15.87 -17.74
C ILE B 167 24.79 14.70 -16.79
N ASP B 168 25.31 14.81 -15.56
CA ASP B 168 25.37 13.70 -14.62
C ASP B 168 24.86 14.16 -13.25
N ILE B 169 23.68 13.65 -12.85
CA ILE B 169 23.04 13.99 -11.56
C ILE B 169 23.06 12.84 -10.54
N ASP B 170 23.81 11.78 -10.84
CA ASP B 170 24.24 10.78 -9.85
C ASP B 170 24.95 11.50 -8.70
N ILE B 171 24.82 11.01 -7.48
CA ILE B 171 25.56 11.62 -6.36
C ILE B 171 27.11 11.50 -6.52
N HIS B 172 27.58 10.51 -7.28
CA HIS B 172 29.01 10.33 -7.52
C HIS B 172 29.47 11.08 -8.77
N HIS B 173 30.75 11.46 -8.76
CA HIS B 173 31.40 12.05 -9.92
C HIS B 173 31.38 11.07 -11.09
N GLY B 174 30.98 11.55 -12.28
CA GLY B 174 31.04 10.77 -13.52
C GLY B 174 32.45 10.65 -14.08
N ASP B 175 33.29 9.92 -13.36
CA ASP B 175 34.75 9.92 -13.59
C ASP B 175 35.17 9.18 -14.87
N GLY B 176 34.55 8.04 -15.14
CA GLY B 176 34.86 7.26 -16.35
C GLY B 176 34.50 8.00 -17.63
N VAL B 177 33.39 8.76 -17.58
CA VAL B 177 32.93 9.53 -18.74
C VAL B 177 33.80 10.78 -18.90
N GLU B 178 34.04 11.48 -17.80
CA GLU B 178 34.95 12.64 -17.83
C GLU B 178 36.34 12.29 -18.36
N GLU B 179 36.91 11.19 -17.86
CA GLU B 179 38.23 10.72 -18.29
C GLU B 179 38.30 10.41 -19.79
N ALA B 180 37.28 9.71 -20.30
CA ALA B 180 37.21 9.34 -21.72
C ALA B 180 37.33 10.55 -22.68
N PHE B 181 36.68 11.65 -22.31
CA PHE B 181 36.60 12.86 -23.13
C PHE B 181 37.36 14.07 -22.56
N TYR B 182 38.30 13.84 -21.65
CA TYR B 182 39.00 14.92 -20.92
C TYR B 182 39.82 15.85 -21.82
N THR B 183 40.37 15.30 -22.91
CA THR B 183 41.20 16.05 -23.85
C THR B 183 40.50 16.45 -25.18
N THR B 184 39.17 16.36 -25.22
CA THR B 184 38.39 16.81 -26.40
C THR B 184 37.35 17.89 -26.05
N ASP B 185 37.17 18.80 -27.01
CA ASP B 185 36.08 19.79 -27.00
C ASP B 185 34.77 19.29 -27.65
N ARG B 186 34.79 18.08 -28.22
CA ARG B 186 33.59 17.50 -28.85
C ARG B 186 32.59 16.88 -27.90
N VAL B 187 32.99 16.68 -26.64
CA VAL B 187 32.07 16.34 -25.55
C VAL B 187 32.33 17.26 -24.38
N MET B 188 31.30 17.97 -23.91
CA MET B 188 31.34 18.66 -22.63
C MET B 188 30.70 17.76 -21.59
N THR B 189 31.43 17.49 -20.51
CA THR B 189 30.92 16.71 -19.38
C THR B 189 30.63 17.64 -18.21
N VAL B 190 29.42 17.53 -17.65
CA VAL B 190 28.95 18.35 -16.54
C VAL B 190 28.47 17.39 -15.44
N SER B 191 29.20 17.35 -14.31
CA SER B 191 28.82 16.50 -13.18
C SER B 191 28.54 17.34 -11.95
N PHE B 192 27.40 17.06 -11.31
CA PHE B 192 27.05 17.54 -9.97
C PHE B 192 27.19 16.33 -9.07
N HIS B 193 27.89 16.46 -7.94
CA HIS B 193 28.20 15.29 -7.09
C HIS B 193 28.65 15.72 -5.71
N LYS B 194 28.52 14.81 -4.76
CA LYS B 194 29.18 14.96 -3.46
C LYS B 194 30.69 14.86 -3.65
N TYR B 195 31.42 15.79 -3.04
CA TYR B 195 32.88 15.82 -3.08
C TYR B 195 33.45 16.01 -1.67
N GLY B 196 34.53 15.27 -1.37
CA GLY B 196 35.22 15.31 -0.08
C GLY B 196 35.06 13.99 0.65
N GLU B 197 36.13 13.21 0.73
CA GLU B 197 36.14 11.88 1.40
C GLU B 197 34.99 10.98 0.90
N TYR B 198 34.88 10.90 -0.42
CA TYR B 198 33.76 10.22 -1.07
C TYR B 198 34.19 9.66 -2.41
N PHE B 199 33.68 8.46 -2.72
CA PHE B 199 33.97 7.77 -3.98
C PHE B 199 33.51 8.64 -5.17
N PRO B 200 34.29 8.69 -6.27
CA PRO B 200 35.61 8.10 -6.55
C PRO B 200 36.83 8.97 -6.18
N GLY B 201 36.62 10.12 -5.52
CA GLY B 201 37.70 11.02 -5.12
C GLY B 201 38.10 12.09 -6.11
N THR B 202 37.42 12.12 -7.27
CA THR B 202 37.71 13.05 -8.37
C THR B 202 36.53 14.02 -8.54
N GLY B 203 36.60 14.90 -9.53
CA GLY B 203 35.56 15.89 -9.76
C GLY B 203 35.70 17.12 -8.88
N ASP B 204 36.95 17.55 -8.68
CA ASP B 204 37.22 18.84 -8.04
C ASP B 204 36.73 19.96 -8.97
N LEU B 205 36.29 21.08 -8.39
CA LEU B 205 35.99 22.34 -9.11
C LEU B 205 37.06 22.73 -10.14
N ARG B 206 38.32 22.52 -9.77
CA ARG B 206 39.49 22.88 -10.60
C ARG B 206 39.85 21.88 -11.72
N ASP B 207 39.15 20.75 -11.81
CA ASP B 207 39.31 19.80 -12.91
C ASP B 207 38.42 20.29 -14.05
N ILE B 208 39.04 21.00 -14.98
CA ILE B 208 38.36 21.72 -16.09
C ILE B 208 38.63 21.16 -17.50
N GLY B 209 39.39 20.06 -17.59
CA GLY B 209 39.83 19.46 -18.86
C GLY B 209 41.29 19.79 -19.14
N ALA B 210 41.81 19.23 -20.22
CA ALA B 210 43.21 19.45 -20.63
C ALA B 210 43.33 19.50 -22.15
N GLY B 211 44.35 20.23 -22.64
CA GLY B 211 44.61 20.37 -24.06
C GLY B 211 43.46 21.07 -24.78
N LYS B 212 43.01 20.48 -25.89
CA LYS B 212 41.81 20.95 -26.61
C LYS B 212 40.54 20.87 -25.76
N GLY B 213 40.51 19.94 -24.80
CA GLY B 213 39.43 19.83 -23.82
C GLY B 213 39.43 20.81 -22.65
N LYS B 214 40.40 21.73 -22.56
CA LYS B 214 40.42 22.72 -21.46
C LYS B 214 39.17 23.60 -21.52
N TYR B 215 38.47 23.67 -20.37
CA TYR B 215 37.13 24.28 -20.20
C TYR B 215 35.93 23.46 -20.71
N TYR B 216 36.15 22.21 -21.15
CA TYR B 216 35.07 21.30 -21.58
C TYR B 216 34.80 20.16 -20.58
N ALA B 217 35.27 20.29 -19.33
CA ALA B 217 34.82 19.46 -18.22
C ALA B 217 34.37 20.43 -17.11
N VAL B 218 33.20 20.19 -16.56
CA VAL B 218 32.58 21.06 -15.55
C VAL B 218 32.20 20.17 -14.37
N ASN B 219 32.64 20.55 -13.17
CA ASN B 219 32.36 19.80 -11.94
C ASN B 219 31.80 20.74 -10.89
N PHE B 220 30.61 20.42 -10.38
CA PHE B 220 29.98 21.14 -9.27
C PHE B 220 30.06 20.25 -8.02
N PRO B 221 31.12 20.44 -7.18
CA PRO B 221 31.22 19.65 -5.95
C PRO B 221 30.27 20.17 -4.87
N MET B 222 29.60 19.23 -4.20
CA MET B 222 28.58 19.52 -3.18
C MET B 222 28.88 18.78 -1.89
N ARG B 223 28.25 19.24 -0.82
CA ARG B 223 28.29 18.61 0.51
C ARG B 223 26.98 17.87 0.80
N ASP B 224 26.93 17.18 1.93
CA ASP B 224 25.74 16.43 2.37
C ASP B 224 24.49 17.31 2.46
N GLY B 225 23.36 16.68 2.19
CA GLY B 225 22.05 17.26 2.47
C GLY B 225 21.50 18.30 1.54
N ILE B 226 22.03 18.40 0.31
CA ILE B 226 21.43 19.30 -0.69
C ILE B 226 19.95 18.93 -0.90
N ASP B 227 19.11 19.95 -1.01
CA ASP B 227 17.65 19.77 -1.12
C ASP B 227 17.16 20.27 -2.47
N ASP B 228 15.87 20.09 -2.74
CA ASP B 228 15.25 20.45 -4.05
C ASP B 228 15.47 21.91 -4.44
N GLU B 229 15.20 22.82 -3.52
CA GLU B 229 15.34 24.27 -3.76
C GLU B 229 16.79 24.64 -4.10
N SER B 230 17.74 24.20 -3.28
CA SER B 230 19.18 24.49 -3.49
C SER B 230 19.73 23.90 -4.78
N TYR B 231 19.37 22.65 -5.06
CA TYR B 231 19.83 21.96 -6.28
C TYR B 231 19.23 22.63 -7.51
N GLY B 232 17.93 22.88 -7.49
CA GLY B 232 17.21 23.54 -8.59
C GLY B 232 17.73 24.93 -8.92
N GLN B 233 18.03 25.70 -7.87
CA GLN B 233 18.59 27.07 -8.01
C GLN B 233 19.94 27.15 -8.73
N ILE B 234 20.78 26.12 -8.61
CA ILE B 234 22.06 26.05 -9.38
C ILE B 234 21.98 25.26 -10.70
N PHE B 235 21.15 24.22 -10.77
CA PHE B 235 21.09 23.37 -11.97
C PHE B 235 20.66 24.16 -13.20
N LYS B 236 19.53 24.86 -13.11
CA LYS B 236 18.99 25.60 -14.26
C LYS B 236 19.93 26.68 -14.81
N PRO B 237 20.48 27.58 -13.94
CA PRO B 237 21.47 28.54 -14.44
C PRO B 237 22.75 27.94 -15.07
N ILE B 238 23.30 26.88 -14.46
CA ILE B 238 24.52 26.24 -14.98
C ILE B 238 24.26 25.60 -16.34
N ILE B 239 23.17 24.82 -16.44
CA ILE B 239 22.81 24.16 -17.69
C ILE B 239 22.41 25.20 -18.76
N SER B 240 21.67 26.25 -18.40
CA SER B 240 21.36 27.33 -19.35
C SER B 240 22.61 28.01 -19.93
N LYS B 241 23.59 28.28 -19.07
CA LYS B 241 24.87 28.88 -19.49
C LYS B 241 25.70 27.92 -20.34
N VAL B 242 25.74 26.65 -19.95
CA VAL B 242 26.38 25.60 -20.77
C VAL B 242 25.74 25.54 -22.17
N MET B 243 24.41 25.52 -22.22
CA MET B 243 23.68 25.48 -23.51
C MET B 243 24.00 26.68 -24.40
N GLU B 244 23.98 27.88 -23.79
CA GLU B 244 24.33 29.14 -24.47
C GLU B 244 25.74 29.12 -25.07
N MET B 245 26.73 28.77 -24.25
CA MET B 245 28.14 28.83 -24.63
C MET B 245 28.58 27.67 -25.53
N TYR B 246 28.17 26.46 -25.17
CA TYR B 246 28.61 25.24 -25.86
C TYR B 246 27.80 24.91 -27.12
N GLN B 247 26.50 25.20 -27.10
CA GLN B 247 25.57 24.94 -28.22
C GLN B 247 25.65 23.49 -28.74
N PRO B 248 25.38 22.51 -27.85
CA PRO B 248 25.41 21.11 -28.28
C PRO B 248 24.24 20.76 -29.18
N SER B 249 24.43 19.75 -30.04
CA SER B 249 23.35 19.26 -30.90
C SER B 249 22.72 17.94 -30.39
N ALA B 250 23.30 17.34 -29.35
CA ALA B 250 22.67 16.21 -28.65
C ALA B 250 23.09 16.20 -27.18
N VAL B 251 22.25 15.59 -26.33
CA VAL B 251 22.43 15.56 -24.88
C VAL B 251 22.28 14.12 -24.35
N VAL B 252 23.18 13.74 -23.43
CA VAL B 252 23.06 12.51 -22.65
C VAL B 252 22.91 12.93 -21.19
N LEU B 253 21.83 12.48 -20.55
CA LEU B 253 21.52 12.80 -19.15
C LEU B 253 21.55 11.50 -18.36
N GLN B 254 22.55 11.38 -17.48
CA GLN B 254 22.66 10.26 -16.55
C GLN B 254 21.83 10.66 -15.31
N CYS B 255 20.83 9.85 -14.97
CA CYS B 255 19.83 10.17 -13.94
C CYS B 255 20.00 9.27 -12.70
N GLY B 256 21.24 9.07 -12.26
CA GLY B 256 21.53 8.23 -11.10
C GLY B 256 20.69 8.65 -9.90
N ALA B 257 19.97 7.68 -9.33
CA ALA B 257 18.99 7.93 -8.26
C ALA B 257 19.57 7.82 -6.85
N ASP B 258 20.87 7.59 -6.74
CA ASP B 258 21.58 7.66 -5.45
C ASP B 258 21.76 9.07 -4.87
N SER B 259 21.37 10.10 -5.63
CA SER B 259 21.19 11.47 -5.12
C SER B 259 19.84 11.75 -4.42
N LEU B 260 18.95 10.76 -4.34
CA LEU B 260 17.67 10.91 -3.62
C LEU B 260 17.85 10.81 -2.12
N SER B 261 17.00 11.56 -1.41
CA SER B 261 16.82 11.42 0.03
C SER B 261 16.57 9.97 0.44
N GLY B 262 17.25 9.54 1.50
CA GLY B 262 17.09 8.19 2.04
C GLY B 262 17.77 7.07 1.26
N ASP B 263 18.66 7.40 0.33
CA ASP B 263 19.41 6.37 -0.40
C ASP B 263 20.35 5.67 0.58
N ARG B 264 20.44 4.33 0.47
CA ARG B 264 21.29 3.52 1.37
C ARG B 264 22.74 3.98 1.44
N LEU B 265 23.29 4.37 0.29
CA LEU B 265 24.69 4.79 0.14
C LEU B 265 24.92 6.29 -0.15
N GLY B 266 23.85 7.07 -0.31
CA GLY B 266 23.92 8.49 -0.61
C GLY B 266 23.60 9.34 0.61
N CYS B 267 24.06 10.60 0.55
CA CYS B 267 23.96 11.60 1.60
C CYS B 267 23.26 12.90 1.14
N PHE B 268 22.51 12.87 0.03
CA PHE B 268 21.74 14.03 -0.45
C PHE B 268 20.30 13.95 0.07
N ASN B 269 19.53 15.03 -0.14
CA ASN B 269 18.16 15.11 0.34
C ASN B 269 17.18 15.58 -0.74
N LEU B 270 17.34 15.08 -1.96
CA LEU B 270 16.44 15.39 -3.08
C LEU B 270 15.21 14.49 -3.01
N THR B 271 14.06 15.05 -3.39
CA THR B 271 12.86 14.25 -3.61
C THR B 271 12.87 13.81 -5.08
N VAL B 272 11.89 12.99 -5.43
CA VAL B 272 11.68 12.59 -6.83
C VAL B 272 11.36 13.82 -7.70
N LYS B 273 10.56 14.76 -7.20
CA LYS B 273 10.28 16.02 -7.92
C LYS B 273 11.54 16.86 -8.16
N GLY B 274 12.39 17.01 -7.15
CA GLY B 274 13.64 17.76 -7.31
C GLY B 274 14.62 17.14 -8.28
N HIS B 275 14.70 15.82 -8.24
CA HIS B 275 15.52 15.03 -9.17
C HIS B 275 14.96 15.19 -10.60
N ALA B 276 13.64 15.01 -10.75
CA ALA B 276 12.97 15.08 -12.05
C ALA B 276 12.93 16.45 -12.69
N LYS B 277 13.01 17.51 -11.88
CA LYS B 277 13.18 18.90 -12.37
C LYS B 277 14.37 19.02 -13.34
N CYS B 278 15.45 18.29 -13.07
CA CYS B 278 16.61 18.24 -13.97
C CYS B 278 16.24 17.74 -15.37
N VAL B 279 15.39 16.70 -15.44
CA VAL B 279 14.88 16.18 -16.72
C VAL B 279 14.02 17.25 -17.41
N GLU B 280 13.14 17.90 -16.66
CA GLU B 280 12.28 18.98 -17.20
C GLU B 280 13.11 20.13 -17.77
N VAL B 281 14.14 20.56 -17.03
CA VAL B 281 15.04 21.65 -17.49
C VAL B 281 15.75 21.28 -18.80
N VAL B 282 16.31 20.07 -18.86
CA VAL B 282 17.05 19.61 -20.04
C VAL B 282 16.12 19.52 -21.28
N LYS B 283 14.89 19.03 -21.08
CA LYS B 283 13.87 18.97 -22.14
C LYS B 283 13.53 20.30 -22.82
N THR B 284 13.58 21.41 -22.06
CA THR B 284 13.22 22.75 -22.60
C THR B 284 14.08 23.20 -23.78
N PHE B 285 15.31 22.67 -23.88
CA PHE B 285 16.23 22.99 -24.98
C PHE B 285 15.93 22.26 -26.30
N ASN B 286 14.98 21.30 -26.32
CA ASN B 286 14.49 20.68 -27.56
C ASN B 286 15.60 20.03 -28.41
N LEU B 287 16.53 19.37 -27.74
CA LEU B 287 17.65 18.67 -28.37
C LEU B 287 17.42 17.18 -28.24
N PRO B 288 17.92 16.37 -29.22
CA PRO B 288 17.95 14.91 -29.07
C PRO B 288 18.57 14.52 -27.74
N LEU B 289 17.86 13.69 -26.98
CA LEU B 289 18.17 13.42 -25.58
C LEU B 289 18.18 11.92 -25.30
N LEU B 290 19.30 11.42 -24.75
CA LEU B 290 19.41 10.05 -24.26
C LEU B 290 19.39 10.11 -22.74
N MET B 291 18.38 9.49 -22.14
CA MET B 291 18.23 9.45 -20.68
C MET B 291 18.64 8.07 -20.19
N LEU B 292 19.57 8.05 -19.24
CA LEU B 292 20.14 6.82 -18.71
C LEU B 292 19.94 6.73 -17.21
N GLY B 293 20.02 5.51 -16.69
CA GLY B 293 19.98 5.26 -15.25
C GLY B 293 21.30 5.60 -14.57
N GLY B 294 21.63 4.83 -13.56
CA GLY B 294 22.80 5.10 -12.75
C GLY B 294 22.67 4.42 -11.40
N GLY B 295 23.27 5.02 -10.37
CA GLY B 295 23.16 4.47 -9.03
C GLY B 295 21.75 4.58 -8.45
N GLY B 296 21.58 4.01 -7.27
CA GLY B 296 20.33 4.08 -6.52
C GLY B 296 20.17 2.77 -5.79
N TYR B 297 20.13 2.86 -4.46
CA TYR B 297 20.26 1.72 -3.55
C TYR B 297 19.09 1.51 -2.57
N THR B 298 18.17 2.48 -2.48
CA THR B 298 16.87 2.28 -1.82
C THR B 298 15.88 2.04 -2.96
N ILE B 299 15.67 0.75 -3.26
CA ILE B 299 15.15 0.39 -4.58
C ILE B 299 13.71 0.82 -4.85
N ARG B 300 12.88 0.88 -3.80
CA ARG B 300 11.53 1.47 -3.93
C ARG B 300 11.56 2.92 -4.48
N ASN B 301 12.52 3.71 -3.99
CA ASN B 301 12.69 5.11 -4.45
C ASN B 301 13.29 5.23 -5.84
N VAL B 302 14.14 4.27 -6.22
CA VAL B 302 14.66 4.19 -7.60
C VAL B 302 13.51 3.97 -8.57
N ALA B 303 12.63 3.01 -8.27
CA ALA B 303 11.47 2.72 -9.13
C ALA B 303 10.52 3.92 -9.26
N ARG B 304 10.26 4.59 -8.13
CA ARG B 304 9.49 5.86 -8.12
C ARG B 304 10.11 6.91 -9.01
N CYS B 305 11.42 7.13 -8.83
CA CYS B 305 12.16 8.19 -9.51
C CYS B 305 12.12 8.02 -11.03
N TRP B 306 12.51 6.85 -11.49
CA TRP B 306 12.58 6.57 -12.93
C TRP B 306 11.21 6.39 -13.60
N THR B 307 10.21 5.93 -12.86
CA THR B 307 8.81 5.96 -13.33
C THR B 307 8.36 7.40 -13.59
N TYR B 308 8.57 8.26 -12.59
CA TYR B 308 8.18 9.68 -12.72
C TYR B 308 8.96 10.39 -13.83
N GLU B 309 10.26 10.09 -13.95
CA GLU B 309 11.08 10.70 -15.02
C GLU B 309 10.72 10.21 -16.43
N THR B 310 10.20 8.97 -16.53
CA THR B 310 9.58 8.49 -17.78
C THR B 310 8.31 9.30 -18.13
N ALA B 311 7.46 9.54 -17.12
CA ALA B 311 6.27 10.41 -17.31
C ALA B 311 6.66 11.82 -17.74
N VAL B 312 7.75 12.36 -17.16
CA VAL B 312 8.27 13.68 -17.53
C VAL B 312 8.72 13.69 -19.00
N ALA B 313 9.46 12.67 -19.41
CA ALA B 313 9.86 12.50 -20.82
C ALA B 313 8.65 12.47 -21.78
N LEU B 314 7.58 11.81 -21.35
CA LEU B 314 6.31 11.76 -22.09
C LEU B 314 5.41 13.01 -21.99
N ASP B 315 5.81 14.01 -21.20
CA ASP B 315 5.05 15.25 -20.96
C ASP B 315 3.64 14.96 -20.43
N CYS B 316 3.56 14.05 -19.46
CA CYS B 316 2.29 13.77 -18.78
C CYS B 316 2.52 13.64 -17.28
N GLU B 317 1.47 13.97 -16.54
CA GLU B 317 1.46 13.75 -15.10
C GLU B 317 0.83 12.37 -14.84
N ILE B 318 1.25 11.81 -13.72
CA ILE B 318 0.71 10.55 -13.21
C ILE B 318 0.32 10.76 -11.74
N PRO B 319 -0.71 10.05 -11.25
CA PRO B 319 -1.16 10.30 -9.88
C PRO B 319 -0.16 9.87 -8.81
N ASN B 320 -0.18 10.56 -7.68
CA ASN B 320 0.60 10.19 -6.51
C ASN B 320 0.21 8.82 -5.93
N GLU B 321 -1.07 8.45 -6.06
CA GLU B 321 -1.59 7.14 -5.66
C GLU B 321 -0.94 6.09 -6.56
N LEU B 322 -0.13 5.19 -5.98
CA LEU B 322 0.51 4.15 -6.80
C LEU B 322 -0.53 3.14 -7.29
N PRO B 323 -0.46 2.74 -8.58
CA PRO B 323 -1.31 1.65 -9.02
C PRO B 323 -0.83 0.33 -8.43
N TYR B 324 -1.74 -0.63 -8.34
CA TYR B 324 -1.34 -1.99 -7.97
C TYR B 324 -0.35 -2.50 -9.01
N ASN B 325 0.62 -3.25 -8.52
CA ASN B 325 1.73 -3.71 -9.34
C ASN B 325 2.35 -4.95 -8.67
N ASP B 326 3.25 -5.61 -9.39
CA ASP B 326 3.87 -6.86 -8.93
C ASP B 326 4.67 -6.72 -7.63
N TYR B 327 5.11 -5.50 -7.30
CA TYR B 327 5.94 -5.22 -6.13
C TYR B 327 5.28 -4.20 -5.18
N PHE B 328 3.94 -4.19 -5.15
CA PHE B 328 3.16 -3.17 -4.40
C PHE B 328 3.57 -3.04 -2.93
N GLU B 329 3.78 -4.18 -2.27
CA GLU B 329 4.28 -4.23 -0.88
C GLU B 329 5.63 -3.53 -0.59
N TYR B 330 6.46 -3.35 -1.62
CA TYR B 330 7.76 -2.68 -1.47
C TYR B 330 7.59 -1.17 -1.21
N PHE B 331 6.44 -0.59 -1.58
CA PHE B 331 6.19 0.86 -1.50
C PHE B 331 5.40 1.30 -0.28
N GLY B 332 5.24 0.42 0.72
CA GLY B 332 4.71 0.82 2.02
C GLY B 332 5.69 1.70 2.78
N PRO B 333 5.21 2.40 3.83
CA PRO B 333 3.86 2.35 4.41
C PRO B 333 2.78 3.18 3.69
N ASP B 334 3.19 4.06 2.78
CA ASP B 334 2.34 5.11 2.19
C ASP B 334 1.72 4.74 0.83
N PHE B 335 2.44 3.93 0.04
CA PHE B 335 2.06 3.54 -1.32
C PHE B 335 1.81 4.75 -2.24
N LYS B 336 2.67 5.77 -2.06
CA LYS B 336 2.66 6.99 -2.88
C LYS B 336 3.90 7.00 -3.77
N LEU B 337 3.78 7.70 -4.90
CA LEU B 337 4.88 7.87 -5.84
C LEU B 337 5.96 8.80 -5.28
N HIS B 338 5.53 9.93 -4.74
CA HIS B 338 6.45 10.97 -4.29
C HIS B 338 6.91 10.75 -2.85
N ILE B 339 8.11 11.25 -2.56
CA ILE B 339 8.78 11.05 -1.27
C ILE B 339 8.98 12.41 -0.61
N SER B 340 9.02 12.42 0.72
CA SER B 340 9.31 13.62 1.49
C SER B 340 10.80 13.71 1.75
N PRO B 341 11.34 14.95 1.87
CA PRO B 341 12.74 15.05 2.32
C PRO B 341 12.85 14.72 3.80
N SER B 342 14.06 14.34 4.22
CA SER B 342 14.36 14.13 5.64
C SER B 342 14.66 15.46 6.34
N ASN B 343 14.87 15.37 7.65
CA ASN B 343 15.31 16.52 8.46
C ASN B 343 16.83 16.77 8.46
N MET B 344 17.60 16.07 7.61
CA MET B 344 19.06 16.24 7.63
C MET B 344 19.45 17.67 7.28
N THR B 345 20.57 18.12 7.86
CA THR B 345 21.08 19.47 7.63
C THR B 345 21.60 19.58 6.19
N ASN B 346 21.20 20.66 5.50
CA ASN B 346 21.83 21.01 4.24
C ASN B 346 23.14 21.74 4.55
N GLN B 347 24.26 21.05 4.36
CA GLN B 347 25.59 21.63 4.55
C GLN B 347 26.06 22.58 3.43
N ASN B 348 25.29 22.63 2.33
CA ASN B 348 25.54 23.55 1.22
C ASN B 348 24.82 24.86 1.56
N THR B 349 25.59 25.83 2.06
CA THR B 349 25.04 27.15 2.38
C THR B 349 24.69 27.91 1.09
N PRO B 350 23.77 28.88 1.15
CA PRO B 350 23.51 29.74 -0.02
C PRO B 350 24.76 30.40 -0.64
N GLU B 351 25.70 30.81 0.22
CA GLU B 351 26.91 31.51 -0.21
C GLU B 351 27.89 30.55 -0.87
N TYR B 352 28.02 29.34 -0.32
CA TYR B 352 28.80 28.26 -0.95
C TYR B 352 28.28 27.98 -2.36
N MET B 353 26.97 27.80 -2.50
CA MET B 353 26.37 27.48 -3.79
C MET B 353 26.58 28.58 -4.84
N GLU B 354 26.36 29.84 -4.46
CA GLU B 354 26.57 30.96 -5.39
C GLU B 354 28.05 31.20 -5.73
N LYS B 355 28.95 30.97 -4.77
CA LYS B 355 30.40 31.13 -5.00
C LYS B 355 30.93 30.11 -6.01
N ILE B 356 30.53 28.84 -5.85
CA ILE B 356 30.91 27.77 -6.79
C ILE B 356 30.28 28.05 -8.17
N LYS B 357 29.00 28.42 -8.19
CA LYS B 357 28.31 28.83 -9.43
C LYS B 357 29.05 29.94 -10.19
N GLN B 358 29.49 30.97 -9.46
CA GLN B 358 30.23 32.08 -10.07
C GLN B 358 31.59 31.65 -10.62
N ARG B 359 32.31 30.79 -9.90
CA ARG B 359 33.58 30.21 -10.40
C ARG B 359 33.39 29.38 -11.68
N LEU B 360 32.31 28.59 -11.76
CA LEU B 360 31.97 27.86 -12.99
C LEU B 360 31.53 28.76 -14.16
N PHE B 361 30.78 29.82 -13.85
CA PHE B 361 30.44 30.84 -14.88
C PHE B 361 31.70 31.49 -15.46
N GLU B 362 32.70 31.80 -14.62
CA GLU B 362 34.01 32.32 -15.08
C GLU B 362 34.70 31.37 -16.06
N ASN B 363 34.63 30.07 -15.80
CA ASN B 363 35.16 29.05 -16.71
C ASN B 363 34.36 28.95 -18.02
N LEU B 364 33.03 29.00 -17.94
CA LEU B 364 32.17 28.92 -19.14
C LEU B 364 32.28 30.12 -20.08
N ARG B 365 32.56 31.31 -19.53
CA ARG B 365 32.90 32.50 -20.34
C ARG B 365 34.20 32.39 -21.17
N MET B 366 35.10 31.46 -20.83
CA MET B 366 36.30 31.17 -21.63
C MET B 366 36.08 30.36 -22.92
N LEU B 367 34.89 29.79 -23.13
CA LEU B 367 34.56 29.09 -24.40
C LEU B 367 34.45 30.09 -25.57
N PRO B 368 34.74 29.64 -26.82
CA PRO B 368 34.63 30.52 -27.98
C PRO B 368 33.17 30.69 -28.42
N LYS C 3 5.86 29.88 27.86
CA LYS C 3 5.86 29.07 26.60
C LYS C 3 5.25 29.86 25.43
N LYS C 4 5.88 29.76 24.25
CA LYS C 4 5.46 30.50 23.06
C LYS C 4 4.27 29.80 22.38
N VAL C 5 3.22 30.55 22.09
CA VAL C 5 2.01 30.05 21.41
C VAL C 5 1.90 30.75 20.05
N CYS C 6 1.74 29.97 18.98
CA CYS C 6 1.39 30.48 17.65
C CYS C 6 -0.04 30.05 17.31
N TYR C 7 -0.80 30.95 16.70
CA TYR C 7 -2.24 30.79 16.51
C TYR C 7 -2.55 31.01 15.03
N TYR C 8 -3.32 30.08 14.43
CA TYR C 8 -3.61 30.09 12.99
C TYR C 8 -5.10 30.36 12.73
N TYR C 9 -5.39 31.39 11.93
CA TYR C 9 -6.76 31.82 11.63
C TYR C 9 -6.81 32.56 10.30
N ASP C 10 -7.77 32.20 9.45
CA ASP C 10 -8.12 32.94 8.23
C ASP C 10 -9.51 33.52 8.42
N GLY C 11 -9.65 34.84 8.22
CA GLY C 11 -10.93 35.55 8.31
C GLY C 11 -12.05 35.12 7.37
N ASP C 12 -11.73 34.40 6.29
CA ASP C 12 -12.74 33.81 5.39
C ASP C 12 -13.45 32.55 5.94
N ILE C 13 -12.88 31.88 6.96
CA ILE C 13 -13.38 30.56 7.43
C ILE C 13 -14.85 30.58 7.90
N GLY C 14 -15.28 31.66 8.56
CA GLY C 14 -16.67 31.85 8.98
C GLY C 14 -17.72 32.04 7.89
N ASN C 15 -17.30 32.38 6.67
CA ASN C 15 -18.22 32.59 5.53
C ASN C 15 -18.66 31.32 4.79
N TYR C 16 -17.99 30.18 5.03
CA TYR C 16 -18.36 28.91 4.38
C TYR C 16 -19.61 28.34 5.05
N TYR C 17 -20.55 27.85 4.23
CA TYR C 17 -21.89 27.48 4.67
C TYR C 17 -22.28 26.09 4.15
N TYR C 18 -22.49 25.14 5.07
CA TYR C 18 -22.90 23.75 4.73
C TYR C 18 -24.32 23.61 4.14
N GLY C 19 -25.20 24.60 4.36
CA GLY C 19 -26.57 24.59 3.83
C GLY C 19 -27.60 24.61 4.95
N GLN C 20 -28.86 24.82 4.55
CA GLN C 20 -29.98 25.01 5.49
C GLN C 20 -30.21 23.75 6.34
N GLY C 21 -30.22 23.93 7.67
CA GLY C 21 -30.42 22.85 8.63
C GLY C 21 -29.21 22.03 9.02
N HIS C 22 -28.05 22.25 8.39
CA HIS C 22 -26.87 21.45 8.66
C HIS C 22 -26.20 21.95 9.97
N PRO C 23 -25.90 21.03 10.92
CA PRO C 23 -25.42 21.48 12.25
C PRO C 23 -24.00 22.07 12.31
N MET C 24 -23.10 21.64 11.43
CA MET C 24 -21.78 22.29 11.27
C MET C 24 -21.87 23.75 10.78
N LYS C 25 -21.47 24.68 11.65
CA LYS C 25 -21.51 26.14 11.40
C LYS C 25 -20.07 26.70 11.47
N PRO C 26 -19.36 26.81 10.31
CA PRO C 26 -18.00 27.40 10.33
C PRO C 26 -17.85 28.79 11.00
N HIS C 27 -18.93 29.58 11.00
CA HIS C 27 -19.10 30.80 11.81
C HIS C 27 -18.64 30.70 13.29
N ARG C 28 -18.78 29.52 13.91
CA ARG C 28 -18.27 29.26 15.28
C ARG C 28 -16.76 29.56 15.48
N ILE C 29 -15.96 29.40 14.41
CA ILE C 29 -14.52 29.71 14.45
C ILE C 29 -14.31 31.23 14.53
N ARG C 30 -15.12 32.00 13.79
CA ARG C 30 -15.12 33.47 13.86
C ARG C 30 -15.60 33.99 15.23
N MET C 31 -16.63 33.36 15.78
CA MET C 31 -17.12 33.67 17.15
C MET C 31 -16.05 33.42 18.22
N THR C 32 -15.39 32.26 18.14
CA THR C 32 -14.25 31.92 18.98
C THR C 32 -13.14 32.96 18.88
N HIS C 33 -12.75 33.28 17.64
CA HIS C 33 -11.72 34.29 17.35
C HIS C 33 -12.04 35.65 17.97
N ASN C 34 -13.26 36.12 17.69
CA ASN C 34 -13.71 37.43 18.19
C ASN C 34 -13.78 37.50 19.73
N LEU C 35 -14.18 36.39 20.37
CA LEU C 35 -14.23 36.32 21.84
C LEU C 35 -12.84 36.39 22.47
N LEU C 36 -11.89 35.59 21.96
CA LEU C 36 -10.51 35.59 22.45
C LEU C 36 -9.71 36.87 22.14
N LEU C 37 -10.02 37.54 21.02
CA LEU C 37 -9.48 38.88 20.72
C LEU C 37 -9.90 39.92 21.77
N ASN C 38 -11.19 39.92 22.11
CA ASN C 38 -11.74 40.86 23.12
C ASN C 38 -11.34 40.55 24.58
N TYR C 39 -11.00 39.29 24.88
CA TYR C 39 -10.31 38.93 26.13
C TYR C 39 -8.85 39.45 26.25
N GLY C 40 -8.24 39.85 25.14
CA GLY C 40 -6.89 40.40 25.09
C GLY C 40 -5.77 39.38 24.87
N LEU C 41 -6.14 38.17 24.40
CA LEU C 41 -5.18 37.07 24.26
C LEU C 41 -4.26 37.20 23.03
N TYR C 42 -4.67 37.99 22.03
CA TYR C 42 -3.79 38.43 20.91
C TYR C 42 -2.47 39.11 21.31
N ARG C 43 -2.47 39.82 22.44
CA ARG C 43 -1.26 40.45 22.99
C ARG C 43 -0.18 39.45 23.46
N LYS C 44 -0.59 38.22 23.81
CA LYS C 44 0.30 37.17 24.32
C LYS C 44 0.65 36.02 23.33
N MET C 45 0.16 36.07 22.09
CA MET C 45 0.47 35.06 21.04
C MET C 45 0.64 35.65 19.64
N GLU C 46 1.41 34.93 18.81
CA GLU C 46 1.69 35.33 17.42
C GLU C 46 0.60 34.76 16.51
N ILE C 47 -0.23 35.64 15.94
CA ILE C 47 -1.35 35.26 15.06
C ILE C 47 -0.86 35.25 13.61
N TYR C 48 -1.11 34.13 12.90
CA TYR C 48 -0.73 33.93 11.50
C TYR C 48 -1.95 33.61 10.64
N ARG C 49 -1.97 34.14 9.42
CA ARG C 49 -2.91 33.72 8.38
C ARG C 49 -2.24 32.54 7.67
N PRO C 50 -2.81 31.31 7.79
CA PRO C 50 -2.15 30.15 7.17
C PRO C 50 -2.29 30.15 5.65
N HIS C 51 -1.24 29.68 4.96
CA HIS C 51 -1.30 29.44 3.51
C HIS C 51 -2.28 28.30 3.22
N LYS C 52 -3.03 28.42 2.13
CA LYS C 52 -3.91 27.34 1.64
C LYS C 52 -3.07 26.08 1.36
N ALA C 53 -3.47 24.95 1.94
CA ALA C 53 -2.83 23.66 1.61
C ALA C 53 -3.15 23.32 0.16
N THR C 54 -2.13 22.93 -0.61
CA THR C 54 -2.32 22.59 -2.03
C THR C 54 -3.01 21.25 -2.18
N ALA C 55 -3.58 21.00 -3.36
CA ALA C 55 -4.09 19.67 -3.73
C ALA C 55 -2.99 18.60 -3.62
N GLU C 56 -1.76 18.95 -4.03
CA GLU C 56 -0.62 18.03 -4.00
C GLU C 56 -0.26 17.65 -2.55
N GLU C 57 -0.26 18.64 -1.65
CA GLU C 57 -0.10 18.42 -0.19
C GLU C 57 -1.12 17.43 0.36
N MET C 58 -2.38 17.57 -0.05
CA MET C 58 -3.46 16.66 0.38
C MET C 58 -3.26 15.22 -0.11
N THR C 59 -2.71 15.05 -1.31
CA THR C 59 -2.42 13.72 -1.86
C THR C 59 -1.23 12.97 -1.22
N LYS C 60 -0.52 13.60 -0.27
CA LYS C 60 0.38 12.86 0.63
C LYS C 60 -0.34 11.75 1.43
N TYR C 61 -1.63 11.96 1.71
CA TYR C 61 -2.47 10.93 2.33
C TYR C 61 -3.65 10.50 1.47
N HIS C 62 -4.47 11.46 1.01
CA HIS C 62 -5.69 11.15 0.25
C HIS C 62 -5.40 10.75 -1.17
N SER C 63 -6.33 9.98 -1.74
CA SER C 63 -6.17 9.50 -3.12
C SER C 63 -6.34 10.67 -4.09
N ASP C 64 -5.66 10.58 -5.23
CA ASP C 64 -5.73 11.62 -6.28
C ASP C 64 -7.13 11.81 -6.81
N GLU C 65 -7.82 10.69 -7.07
CA GLU C 65 -9.21 10.72 -7.57
C GLU C 65 -10.18 11.40 -6.59
N TYR C 66 -9.99 11.16 -5.29
CA TYR C 66 -10.82 11.82 -4.27
C TYR C 66 -10.56 13.33 -4.22
N ILE C 67 -9.29 13.75 -4.19
CA ILE C 67 -8.93 15.18 -4.14
C ILE C 67 -9.34 15.90 -5.43
N LYS C 68 -9.15 15.24 -6.58
CA LYS C 68 -9.62 15.76 -7.88
C LYS C 68 -11.14 15.99 -7.88
N PHE C 69 -11.89 15.03 -7.32
CA PHE C 69 -13.36 15.15 -7.17
C PHE C 69 -13.75 16.35 -6.28
N LEU C 70 -13.09 16.51 -5.13
CA LEU C 70 -13.34 17.66 -4.23
C LEU C 70 -13.07 19.02 -4.90
N ARG C 71 -11.99 19.09 -5.68
CA ARG C 71 -11.70 20.28 -6.53
C ARG C 71 -12.74 20.56 -7.60
N SER C 72 -13.31 19.50 -8.19
CA SER C 72 -14.19 19.59 -9.36
C SER C 72 -15.68 19.77 -9.05
N ILE C 73 -16.15 19.14 -7.97
CA ILE C 73 -17.58 19.11 -7.64
C ILE C 73 -18.10 20.52 -7.26
N ARG C 74 -19.29 20.85 -7.76
CA ARG C 74 -19.99 22.14 -7.54
C ARG C 74 -21.48 21.83 -7.31
N PRO C 75 -22.21 22.72 -6.59
CA PRO C 75 -23.69 22.58 -6.48
C PRO C 75 -24.44 22.39 -7.80
N ASP C 76 -23.98 23.09 -8.85
CA ASP C 76 -24.61 23.08 -10.18
C ASP C 76 -24.15 21.98 -11.18
N ASN C 77 -23.23 21.08 -10.80
CA ASN C 77 -22.79 19.95 -11.67
C ASN C 77 -22.95 18.53 -11.07
N MET C 78 -23.76 18.39 -10.01
CA MET C 78 -23.84 17.13 -9.25
C MET C 78 -24.41 15.93 -10.03
N SER C 79 -25.28 16.19 -11.02
CA SER C 79 -25.78 15.15 -11.94
C SER C 79 -24.68 14.46 -12.79
N GLU C 80 -23.60 15.18 -13.09
CA GLU C 80 -22.43 14.62 -13.79
C GLU C 80 -21.62 13.65 -12.92
N TYR C 81 -21.58 13.89 -11.60
CA TYR C 81 -20.73 13.16 -10.64
C TYR C 81 -21.49 12.22 -9.68
N SER C 82 -22.61 11.63 -10.14
CA SER C 82 -23.46 10.75 -9.30
C SER C 82 -22.73 9.52 -8.76
N LYS C 83 -21.94 8.87 -9.62
CA LYS C 83 -21.15 7.69 -9.23
C LYS C 83 -20.00 8.04 -8.29
N GLN C 84 -19.28 9.12 -8.57
CA GLN C 84 -18.21 9.61 -7.69
C GLN C 84 -18.73 10.08 -6.32
N MET C 85 -19.90 10.73 -6.31
CA MET C 85 -20.60 11.08 -5.06
C MET C 85 -20.85 9.85 -4.15
N GLN C 86 -21.29 8.75 -4.75
CA GLN C 86 -21.45 7.47 -4.03
C GLN C 86 -20.10 6.90 -3.57
N ARG C 87 -19.12 6.87 -4.48
CA ARG C 87 -17.75 6.37 -4.16
C ARG C 87 -17.12 7.10 -2.98
N PHE C 88 -17.24 8.43 -2.97
CA PHE C 88 -16.57 9.30 -2.00
C PHE C 88 -17.44 9.78 -0.83
N ASN C 89 -18.71 9.34 -0.76
CA ASN C 89 -19.66 9.67 0.31
C ASN C 89 -19.88 11.19 0.48
N VAL C 90 -20.09 11.86 -0.65
CA VAL C 90 -20.35 13.32 -0.70
C VAL C 90 -21.72 13.53 -1.33
N GLY C 91 -22.52 14.43 -0.75
CA GLY C 91 -23.86 14.76 -1.25
C GLY C 91 -24.98 14.84 -0.23
N GLU C 92 -24.85 14.12 0.89
CA GLU C 92 -25.87 14.05 1.96
C GLU C 92 -25.33 14.71 3.24
N ASP C 93 -24.83 13.94 4.22
CA ASP C 93 -24.31 14.48 5.49
C ASP C 93 -23.00 15.26 5.30
N CYS C 94 -22.24 14.93 4.26
CA CYS C 94 -21.10 15.70 3.80
C CYS C 94 -21.52 16.38 2.49
N PRO C 95 -22.25 17.52 2.56
CA PRO C 95 -22.84 18.10 1.35
C PRO C 95 -21.84 18.79 0.42
N VAL C 96 -22.30 19.06 -0.80
CA VAL C 96 -21.59 19.91 -1.75
C VAL C 96 -22.07 21.34 -1.47
N PHE C 97 -21.12 22.24 -1.22
CA PHE C 97 -21.41 23.68 -1.05
C PHE C 97 -20.35 24.53 -1.73
N ASP C 98 -20.69 25.81 -1.97
CA ASP C 98 -19.79 26.75 -2.65
C ASP C 98 -18.48 26.94 -1.87
N GLY C 99 -17.36 26.81 -2.56
CA GLY C 99 -16.04 26.89 -1.95
C GLY C 99 -15.63 25.73 -1.06
N LEU C 100 -16.23 24.54 -1.27
CA LEU C 100 -15.89 23.32 -0.51
C LEU C 100 -14.40 23.04 -0.50
N PHE C 101 -13.77 23.10 -1.68
CA PHE C 101 -12.33 22.82 -1.76
C PHE C 101 -11.49 23.87 -1.01
N GLU C 102 -11.82 25.15 -1.18
CA GLU C 102 -11.10 26.23 -0.47
C GLU C 102 -11.27 26.12 1.06
N PHE C 103 -12.45 25.70 1.50
CA PHE C 103 -12.70 25.36 2.92
C PHE C 103 -11.76 24.26 3.43
N CYS C 104 -11.60 23.18 2.65
CA CYS C 104 -10.61 22.12 2.95
C CYS C 104 -9.17 22.64 3.00
N GLN C 105 -8.82 23.51 2.04
CA GLN C 105 -7.48 24.12 1.98
C GLN C 105 -7.12 24.95 3.23
N LEU C 106 -8.08 25.71 3.75
CA LEU C 106 -7.87 26.61 4.90
C LEU C 106 -7.74 25.86 6.22
N SER C 107 -8.67 24.93 6.48
CA SER C 107 -8.61 24.08 7.68
C SER C 107 -7.32 23.24 7.73
N THR C 108 -6.96 22.64 6.60
CA THR C 108 -5.72 21.87 6.45
C THR C 108 -4.46 22.72 6.56
N GLY C 109 -4.47 23.87 5.89
CA GLY C 109 -3.36 24.83 5.90
C GLY C 109 -2.88 25.24 7.29
N GLY C 110 -3.83 25.51 8.18
CA GLY C 110 -3.54 25.87 9.57
C GLY C 110 -2.87 24.77 10.39
N SER C 111 -3.33 23.53 10.21
CA SER C 111 -2.76 22.39 10.93
C SER C 111 -1.34 22.05 10.47
N VAL C 112 -1.14 22.02 9.15
CA VAL C 112 0.18 21.74 8.56
C VAL C 112 1.18 22.88 8.85
N ALA C 113 0.72 24.13 8.78
CA ALA C 113 1.56 25.29 9.16
C ALA C 113 1.98 25.23 10.63
N GLY C 114 1.06 24.84 11.51
CA GLY C 114 1.36 24.57 12.93
C GLY C 114 2.45 23.53 13.13
N ALA C 115 2.34 22.41 12.41
CA ALA C 115 3.34 21.32 12.44
C ALA C 115 4.73 21.77 11.97
N VAL C 116 4.78 22.53 10.87
CA VAL C 116 6.03 23.12 10.35
C VAL C 116 6.69 24.06 11.39
N LYS C 117 5.88 24.90 12.02
CA LYS C 117 6.35 25.82 13.07
C LYS C 117 6.94 25.08 14.29
N LEU C 118 6.31 23.97 14.67
CA LEU C 118 6.82 23.07 15.72
C LEU C 118 8.10 22.33 15.29
N ASN C 119 8.12 21.79 14.06
CA ASN C 119 9.33 21.16 13.48
C ASN C 119 10.56 22.08 13.42
N ARG C 120 10.34 23.35 13.07
CA ARG C 120 11.42 24.36 13.02
C ARG C 120 11.89 24.90 14.40
N GLN C 121 11.27 24.45 15.50
CA GLN C 121 11.57 24.90 16.88
C GLN C 121 11.36 26.43 17.08
N GLN C 122 10.36 26.96 16.37
CA GLN C 122 9.98 28.38 16.42
C GLN C 122 8.75 28.63 17.30
N THR C 123 8.16 27.58 17.88
CA THR C 123 7.10 27.69 18.89
C THR C 123 7.02 26.43 19.76
N ASP C 124 6.46 26.59 20.96
CA ASP C 124 6.15 25.47 21.87
C ASP C 124 4.76 24.91 21.59
N MET C 125 3.80 25.80 21.34
CA MET C 125 2.42 25.44 20.99
C MET C 125 1.98 26.09 19.68
N ALA C 126 1.22 25.33 18.88
CA ALA C 126 0.54 25.81 17.68
C ALA C 126 -0.95 25.51 17.82
N VAL C 127 -1.81 26.49 17.49
CA VAL C 127 -3.27 26.36 17.67
C VAL C 127 -3.97 26.57 16.32
N ASN C 128 -4.86 25.64 15.95
CA ASN C 128 -5.72 25.77 14.77
C ASN C 128 -7.13 25.26 15.08
N TRP C 129 -7.99 26.17 15.57
CA TRP C 129 -9.37 25.80 15.92
C TRP C 129 -10.26 25.40 14.73
N ALA C 130 -9.90 25.82 13.51
CA ALA C 130 -10.59 25.38 12.29
C ALA C 130 -10.33 23.92 11.90
N GLY C 131 -9.26 23.31 12.44
CA GLY C 131 -8.87 21.93 12.14
C GLY C 131 -9.51 20.91 13.07
N GLY C 132 -8.90 19.72 13.13
CA GLY C 132 -9.42 18.57 13.87
C GLY C 132 -10.45 17.69 13.17
N LEU C 133 -10.37 17.59 11.85
CA LEU C 133 -11.37 16.90 11.02
C LEU C 133 -11.07 15.40 11.00
N HIS C 134 -11.30 14.77 12.16
CA HIS C 134 -10.76 13.43 12.41
C HIS C 134 -11.43 12.25 11.69
N HIS C 135 -12.61 12.47 11.09
CA HIS C 135 -13.36 11.43 10.37
C HIS C 135 -12.96 11.19 8.92
N ALA C 136 -12.32 12.17 8.27
CA ALA C 136 -12.00 12.05 6.83
C ALA C 136 -11.03 10.88 6.59
N LYS C 137 -11.35 10.09 5.55
CA LYS C 137 -10.60 8.89 5.17
C LYS C 137 -9.80 9.16 3.90
N LYS C 138 -8.97 8.19 3.50
CA LYS C 138 -8.09 8.31 2.31
C LYS C 138 -8.87 8.69 1.05
N SER C 139 -10.00 8.01 0.83
CA SER C 139 -10.83 8.23 -0.34
C SER C 139 -12.33 8.29 0.02
N GLU C 140 -12.65 8.97 1.12
CA GLU C 140 -14.06 9.06 1.57
C GLU C 140 -14.25 10.24 2.53
N ALA C 141 -15.24 11.08 2.25
CA ALA C 141 -15.74 12.05 3.24
C ALA C 141 -16.55 11.30 4.29
N SER C 142 -16.58 11.83 5.52
CA SER C 142 -17.29 11.16 6.62
C SER C 142 -17.56 12.14 7.77
N GLY C 143 -18.75 12.07 8.36
CA GLY C 143 -19.10 12.87 9.54
C GLY C 143 -18.78 14.36 9.45
N PHE C 144 -19.13 14.96 8.32
CA PHE C 144 -18.89 16.37 7.98
C PHE C 144 -17.44 16.74 7.59
N CYS C 145 -16.53 15.75 7.55
CA CYS C 145 -15.10 15.95 7.31
C CYS C 145 -14.78 15.45 5.92
N TYR C 146 -14.03 16.25 5.15
CA TYR C 146 -13.61 15.89 3.79
C TYR C 146 -12.12 15.59 3.71
N VAL C 147 -11.28 16.47 4.28
CA VAL C 147 -9.82 16.34 4.25
C VAL C 147 -9.33 16.26 5.70
N ASN C 148 -8.68 15.15 6.02
CA ASN C 148 -8.01 14.92 7.29
C ASN C 148 -6.73 15.75 7.50
N ASP C 149 -6.94 16.98 7.98
CA ASP C 149 -5.85 17.88 8.41
C ASP C 149 -4.91 17.29 9.47
N ILE C 150 -5.46 16.47 10.37
CA ILE C 150 -4.72 15.90 11.49
C ILE C 150 -3.67 14.94 10.96
N VAL C 151 -4.11 14.02 10.10
CA VAL C 151 -3.22 13.03 9.48
C VAL C 151 -2.10 13.74 8.70
N LEU C 152 -2.47 14.76 7.92
CA LEU C 152 -1.48 15.54 7.15
C LEU C 152 -0.49 16.31 8.06
N ALA C 153 -0.99 16.86 9.17
CA ALA C 153 -0.13 17.53 10.16
C ALA C 153 0.83 16.56 10.87
N ILE C 154 0.33 15.37 11.21
CA ILE C 154 1.15 14.31 11.83
C ILE C 154 2.24 13.82 10.87
N LEU C 155 1.89 13.60 9.60
CA LEU C 155 2.89 13.24 8.58
C LEU C 155 4.02 14.27 8.48
N GLU C 156 3.68 15.56 8.58
CA GLU C 156 4.68 16.63 8.66
C GLU C 156 5.53 16.52 9.93
N LEU C 157 4.88 16.29 11.09
CA LEU C 157 5.60 16.10 12.36
C LEU C 157 6.59 14.92 12.35
N LEU C 158 6.20 13.82 11.71
CA LEU C 158 7.06 12.62 11.61
C LEU C 158 8.38 12.80 10.84
N LYS C 159 8.49 13.86 10.02
CA LYS C 159 9.78 14.24 9.43
C LYS C 159 10.85 14.62 10.47
N TYR C 160 10.43 15.20 11.60
CA TYR C 160 11.32 15.68 12.67
C TYR C 160 11.19 14.96 14.03
N HIS C 161 10.15 14.13 14.20
CA HIS C 161 9.81 13.49 15.48
C HIS C 161 9.69 11.99 15.29
N GLN C 162 10.47 11.21 16.04
CA GLN C 162 10.42 9.73 16.00
C GLN C 162 9.05 9.17 16.39
N ARG C 163 8.49 9.73 17.47
CA ARG C 163 7.23 9.27 18.07
C ARG C 163 6.29 10.46 18.31
N VAL C 164 5.07 10.40 17.77
CA VAL C 164 4.03 11.42 17.91
C VAL C 164 2.83 10.82 18.64
N LEU C 165 2.35 11.49 19.69
CA LEU C 165 1.17 11.06 20.45
C LEU C 165 -0.04 11.87 19.98
N TYR C 166 -1.11 11.17 19.57
CA TYR C 166 -2.38 11.81 19.20
C TYR C 166 -3.43 11.54 20.28
N ILE C 167 -4.02 12.60 20.82
CA ILE C 167 -5.04 12.49 21.89
C ILE C 167 -6.32 13.17 21.39
N ASP C 168 -7.46 12.50 21.59
CA ASP C 168 -8.74 12.90 20.98
C ASP C 168 -9.84 12.93 22.05
N ILE C 169 -10.27 14.13 22.41
CA ILE C 169 -11.36 14.35 23.42
C ILE C 169 -12.71 14.80 22.83
N ASP C 170 -12.80 14.87 21.49
CA ASP C 170 -14.08 14.83 20.76
C ASP C 170 -14.98 13.67 21.27
N ILE C 171 -16.29 13.88 21.32
CA ILE C 171 -17.22 12.82 21.76
C ILE C 171 -17.23 11.59 20.81
N HIS C 172 -16.86 11.79 19.54
CA HIS C 172 -16.78 10.70 18.57
C HIS C 172 -15.39 10.08 18.52
N HIS C 173 -15.35 8.82 18.10
CA HIS C 173 -14.09 8.10 17.88
C HIS C 173 -13.31 8.77 16.76
N GLY C 174 -12.01 8.99 16.98
CA GLY C 174 -11.13 9.54 15.95
C GLY C 174 -10.72 8.49 14.95
N ASP C 175 -11.68 8.02 14.16
CA ASP C 175 -11.51 6.83 13.30
C ASP C 175 -10.54 7.04 12.13
N GLY C 176 -10.64 8.19 11.45
CA GLY C 176 -9.73 8.50 10.34
C GLY C 176 -8.26 8.59 10.72
N VAL C 177 -7.98 9.13 11.90
CA VAL C 177 -6.62 9.27 12.41
C VAL C 177 -6.09 7.91 12.87
N GLU C 178 -6.90 7.18 13.66
CA GLU C 178 -6.55 5.81 14.08
C GLU C 178 -6.25 4.91 12.88
N GLU C 179 -7.12 4.96 11.86
CA GLU C 179 -6.97 4.13 10.66
C GLU C 179 -5.65 4.43 9.92
N ALA C 180 -5.35 5.71 9.77
CA ALA C 180 -4.11 6.16 9.10
C ALA C 180 -2.84 5.56 9.70
N PHE C 181 -2.79 5.50 11.03
CA PHE C 181 -1.62 5.02 11.77
C PHE C 181 -1.82 3.68 12.49
N TYR C 182 -2.81 2.90 12.06
CA TYR C 182 -3.17 1.65 12.77
C TYR C 182 -2.07 0.59 12.81
N THR C 183 -1.18 0.59 11.80
CA THR C 183 -0.08 -0.38 11.70
C THR C 183 1.31 0.22 11.94
N THR C 184 1.42 1.40 12.56
CA THR C 184 2.72 1.97 12.94
C THR C 184 2.82 2.21 14.45
N ASP C 185 4.02 2.03 14.98
CA ASP C 185 4.38 2.47 16.35
C ASP C 185 4.90 3.92 16.41
N ARG C 186 5.07 4.58 15.26
CA ARG C 186 5.56 5.98 15.21
C ARG C 186 4.49 7.01 15.57
N VAL C 187 3.22 6.61 15.56
CA VAL C 187 2.11 7.43 16.07
C VAL C 187 1.27 6.54 16.98
N MET C 188 1.09 6.97 18.24
CA MET C 188 0.14 6.35 19.16
C MET C 188 -1.12 7.22 19.18
N THR C 189 -2.27 6.61 18.89
CA THR C 189 -3.58 7.30 18.90
C THR C 189 -4.37 6.90 20.14
N VAL C 190 -4.86 7.90 20.89
CA VAL C 190 -5.62 7.68 22.13
C VAL C 190 -6.94 8.44 21.99
N SER C 191 -8.06 7.70 21.92
CA SER C 191 -9.39 8.30 21.77
C SER C 191 -10.30 7.95 22.94
N PHE C 192 -10.94 8.98 23.50
CA PHE C 192 -12.02 8.88 24.47
C PHE C 192 -13.28 9.27 23.74
N HIS C 193 -14.34 8.48 23.82
CA HIS C 193 -15.55 8.71 22.99
C HIS C 193 -16.75 7.91 23.46
N LYS C 194 -17.94 8.40 23.09
CA LYS C 194 -19.17 7.64 23.26
C LYS C 194 -19.11 6.44 22.30
N TYR C 195 -19.45 5.26 22.81
CA TYR C 195 -19.47 4.00 22.04
C TYR C 195 -20.76 3.23 22.29
N GLY C 196 -21.33 2.66 21.21
CA GLY C 196 -22.56 1.85 21.27
C GLY C 196 -23.73 2.63 20.68
N GLU C 197 -24.27 2.16 19.56
CA GLU C 197 -25.40 2.81 18.85
C GLU C 197 -25.13 4.31 18.58
N TYR C 198 -23.93 4.57 18.06
CA TYR C 198 -23.43 5.94 17.88
C TYR C 198 -22.36 5.99 16.81
N PHE C 199 -22.30 7.12 16.09
CA PHE C 199 -21.34 7.34 15.01
C PHE C 199 -19.91 7.39 15.57
N PRO C 200 -18.90 6.86 14.84
CA PRO C 200 -18.93 6.08 13.60
C PRO C 200 -19.08 4.55 13.76
N GLY C 201 -19.27 4.05 15.00
CA GLY C 201 -19.40 2.62 15.27
C GLY C 201 -18.12 1.85 15.52
N THR C 202 -16.98 2.55 15.55
CA THR C 202 -15.65 1.96 15.76
C THR C 202 -15.05 2.47 17.07
N GLY C 203 -13.82 2.06 17.38
CA GLY C 203 -13.16 2.44 18.63
C GLY C 203 -13.62 1.59 19.79
N ASP C 204 -13.72 0.28 19.55
CA ASP C 204 -14.01 -0.72 20.57
C ASP C 204 -12.77 -0.81 21.47
N LEU C 205 -13.00 -1.25 22.71
CA LEU C 205 -11.91 -1.54 23.66
C LEU C 205 -10.84 -2.49 23.07
N ARG C 206 -11.29 -3.50 22.32
CA ARG C 206 -10.41 -4.49 21.68
C ARG C 206 -9.59 -4.01 20.46
N ASP C 207 -9.90 -2.83 19.93
CA ASP C 207 -9.18 -2.24 18.78
C ASP C 207 -7.90 -1.60 19.29
N ILE C 208 -6.80 -2.36 19.21
CA ILE C 208 -5.49 -1.99 19.81
C ILE C 208 -4.34 -1.77 18.80
N GLY C 209 -4.65 -1.85 17.51
CA GLY C 209 -3.65 -1.75 16.43
C GLY C 209 -3.32 -3.11 15.83
N ALA C 210 -2.57 -3.08 14.74
CA ALA C 210 -2.15 -4.28 13.99
C ALA C 210 -0.67 -4.17 13.64
N GLY C 211 -0.02 -5.31 13.42
CA GLY C 211 1.39 -5.35 13.03
C GLY C 211 2.31 -4.68 14.06
N LYS C 212 3.24 -3.85 13.58
CA LYS C 212 4.10 -3.04 14.48
C LYS C 212 3.32 -2.02 15.32
N GLY C 213 2.13 -1.63 14.85
CA GLY C 213 1.19 -0.82 15.61
C GLY C 213 0.36 -1.51 16.69
N LYS C 214 0.51 -2.83 16.89
CA LYS C 214 -0.23 -3.53 17.96
C LYS C 214 0.18 -2.94 19.32
N TYR C 215 -0.83 -2.55 20.10
CA TYR C 215 -0.71 -1.77 21.36
C TYR C 215 -0.45 -0.24 21.19
N TYR C 216 -0.42 0.27 19.96
CA TYR C 216 -0.26 1.72 19.70
C TYR C 216 -1.54 2.42 19.23
N ALA C 217 -2.70 1.76 19.41
CA ALA C 217 -4.00 2.41 19.34
C ALA C 217 -4.70 2.13 20.67
N VAL C 218 -5.25 3.17 21.29
CA VAL C 218 -5.91 3.10 22.60
C VAL C 218 -7.31 3.70 22.45
N ASN C 219 -8.33 2.97 22.91
CA ASN C 219 -9.72 3.42 22.85
C ASN C 219 -10.40 3.26 24.21
N PHE C 220 -10.96 4.36 24.73
CA PHE C 220 -11.78 4.36 25.94
C PHE C 220 -13.24 4.59 25.51
N PRO C 221 -14.01 3.48 25.32
CA PRO C 221 -15.43 3.63 25.01
C PRO C 221 -16.23 4.05 26.25
N MET C 222 -17.11 5.04 26.08
CA MET C 222 -17.94 5.59 27.15
C MET C 222 -19.43 5.50 26.80
N ARG C 223 -20.25 5.54 27.85
CA ARG C 223 -21.71 5.65 27.74
C ARG C 223 -22.14 7.11 27.96
N ASP C 224 -23.45 7.38 27.84
CA ASP C 224 -24.03 8.72 28.03
C ASP C 224 -23.69 9.36 29.38
N GLY C 225 -23.52 10.68 29.37
CA GLY C 225 -23.57 11.49 30.58
C GLY C 225 -22.35 11.51 31.48
N ILE C 226 -21.17 11.28 30.91
CA ILE C 226 -19.91 11.41 31.66
C ILE C 226 -19.73 12.87 32.13
N ASP C 227 -19.29 13.04 33.37
CA ASP C 227 -19.15 14.38 34.02
C ASP C 227 -17.66 14.70 34.24
N ASP C 228 -17.38 15.92 34.71
CA ASP C 228 -15.99 16.42 34.94
C ASP C 228 -15.14 15.51 35.83
N GLU C 229 -15.70 15.11 36.97
CA GLU C 229 -15.00 14.27 37.96
C GLU C 229 -14.63 12.90 37.38
N SER C 230 -15.62 12.22 36.78
CA SER C 230 -15.41 10.90 36.16
C SER C 230 -14.45 10.91 34.97
N TYR C 231 -14.60 11.91 34.10
CA TYR C 231 -13.70 12.11 32.95
C TYR C 231 -12.26 12.46 33.38
N GLY C 232 -12.14 13.36 34.34
CA GLY C 232 -10.84 13.75 34.92
C GLY C 232 -10.06 12.62 35.57
N GLN C 233 -10.77 11.79 36.34
CA GLN C 233 -10.15 10.65 37.06
C GLN C 233 -9.68 9.49 36.15
N ILE C 234 -10.13 9.44 34.89
CA ILE C 234 -9.56 8.50 33.89
C ILE C 234 -8.60 9.15 32.89
N PHE C 235 -8.82 10.42 32.51
CA PHE C 235 -7.92 11.11 31.56
C PHE C 235 -6.48 11.20 32.06
N LYS C 236 -6.30 11.75 33.27
CA LYS C 236 -4.95 11.98 33.82
C LYS C 236 -4.12 10.69 34.04
N PRO C 237 -4.70 9.65 34.68
CA PRO C 237 -3.95 8.38 34.81
C PRO C 237 -3.61 7.67 33.48
N ILE C 238 -4.56 7.65 32.53
CA ILE C 238 -4.33 7.02 31.21
C ILE C 238 -3.23 7.78 30.44
N ILE C 239 -3.35 9.10 30.34
CA ILE C 239 -2.38 9.93 29.61
C ILE C 239 -1.00 9.94 30.29
N SER C 240 -0.96 9.98 31.63
CA SER C 240 0.31 9.84 32.37
C SER C 240 1.01 8.50 32.09
N LYS C 241 0.25 7.41 32.05
CA LYS C 241 0.78 6.08 31.72
C LYS C 241 1.26 6.02 30.26
N VAL C 242 0.46 6.57 29.34
CA VAL C 242 0.85 6.68 27.91
C VAL C 242 2.17 7.46 27.75
N MET C 243 2.29 8.60 28.43
CA MET C 243 3.53 9.42 28.39
C MET C 243 4.76 8.66 28.92
N GLU C 244 4.58 7.95 30.03
CA GLU C 244 5.62 7.10 30.65
C GLU C 244 6.13 6.01 29.71
N MET C 245 5.20 5.24 29.14
CA MET C 245 5.53 4.08 28.30
C MET C 245 5.94 4.45 26.88
N TYR C 246 5.22 5.39 26.26
CA TYR C 246 5.45 5.76 24.86
C TYR C 246 6.58 6.76 24.65
N GLN C 247 6.75 7.71 25.58
CA GLN C 247 7.79 8.74 25.53
C GLN C 247 7.81 9.54 24.19
N PRO C 248 6.67 10.18 23.84
CA PRO C 248 6.59 10.92 22.56
C PRO C 248 7.42 12.21 22.58
N SER C 249 7.90 12.63 21.42
CA SER C 249 8.62 13.91 21.28
C SER C 249 7.72 15.06 20.79
N ALA C 250 6.52 14.74 20.29
CA ALA C 250 5.48 15.76 20.00
C ALA C 250 4.08 15.21 20.28
N VAL C 251 3.13 16.10 20.53
CA VAL C 251 1.75 15.75 20.86
C VAL C 251 0.78 16.53 19.99
N VAL C 252 -0.28 15.87 19.52
CA VAL C 252 -1.39 16.50 18.81
C VAL C 252 -2.63 16.24 19.65
N LEU C 253 -3.29 17.32 20.10
CA LEU C 253 -4.50 17.25 20.91
C LEU C 253 -5.68 17.79 20.11
N GLN C 254 -6.59 16.89 19.75
CA GLN C 254 -7.85 17.25 19.09
C GLN C 254 -8.83 17.59 20.24
N CYS C 255 -9.33 18.83 20.27
CA CYS C 255 -10.15 19.36 21.38
C CYS C 255 -11.62 19.55 20.98
N GLY C 256 -12.19 18.53 20.32
CA GLY C 256 -13.58 18.56 19.86
C GLY C 256 -14.54 18.88 20.98
N ALA C 257 -15.28 19.98 20.81
CA ALA C 257 -16.17 20.55 21.82
C ALA C 257 -17.57 19.92 21.86
N ASP C 258 -17.85 18.93 21.00
CA ASP C 258 -19.11 18.14 21.07
C ASP C 258 -19.23 17.17 22.27
N SER C 259 -18.16 17.02 23.04
CA SER C 259 -18.17 16.40 24.38
C SER C 259 -18.66 17.31 25.53
N LEU C 260 -18.99 18.58 25.25
CA LEU C 260 -19.52 19.50 26.28
C LEU C 260 -20.99 19.23 26.59
N SER C 261 -21.37 19.54 27.83
CA SER C 261 -22.77 19.50 28.27
C SER C 261 -23.62 20.44 27.40
N GLY C 262 -24.82 19.98 27.04
CA GLY C 262 -25.74 20.75 26.22
C GLY C 262 -25.38 20.89 24.75
N ASP C 263 -24.52 20.01 24.22
CA ASP C 263 -24.25 19.97 22.77
C ASP C 263 -25.45 19.39 22.05
N ARG C 264 -25.82 19.99 20.92
CA ARG C 264 -27.00 19.59 20.12
C ARG C 264 -27.00 18.11 19.68
N LEU C 265 -25.81 17.61 19.32
CA LEU C 265 -25.63 16.23 18.83
C LEU C 265 -24.95 15.27 19.82
N GLY C 266 -24.31 15.79 20.87
CA GLY C 266 -23.62 14.96 21.89
C GLY C 266 -24.47 14.71 23.14
N CYS C 267 -24.11 13.66 23.88
CA CYS C 267 -24.73 13.28 25.15
C CYS C 267 -23.73 13.11 26.32
N PHE C 268 -22.64 13.90 26.32
CA PHE C 268 -21.73 14.00 27.49
C PHE C 268 -22.15 15.20 28.34
N ASN C 269 -21.58 15.28 29.55
CA ASN C 269 -21.93 16.31 30.52
C ASN C 269 -20.68 17.03 31.08
N LEU C 270 -19.74 17.35 30.20
CA LEU C 270 -18.53 18.11 30.57
C LEU C 270 -18.79 19.61 30.55
N THR C 271 -18.22 20.32 31.52
CA THR C 271 -18.17 21.80 31.50
C THR C 271 -16.94 22.23 30.70
N VAL C 272 -16.80 23.55 30.50
CA VAL C 272 -15.60 24.12 29.87
C VAL C 272 -14.34 23.86 30.71
N LYS C 273 -14.46 23.97 32.04
CA LYS C 273 -13.37 23.64 32.97
C LYS C 273 -12.90 22.18 32.87
N GLY C 274 -13.86 21.26 32.85
CA GLY C 274 -13.55 19.83 32.75
C GLY C 274 -12.96 19.40 31.42
N HIS C 275 -13.46 20.01 30.35
CA HIS C 275 -12.89 19.85 29.01
C HIS C 275 -11.44 20.39 28.99
N ALA C 276 -11.27 21.64 29.43
CA ALA C 276 -9.96 22.31 29.48
C ALA C 276 -8.92 21.71 30.43
N LYS C 277 -9.36 20.93 31.43
CA LYS C 277 -8.47 20.14 32.30
C LYS C 277 -7.56 19.17 31.50
N CYS C 278 -8.10 18.63 30.41
CA CYS C 278 -7.32 17.81 29.46
C CYS C 278 -6.14 18.56 28.84
N VAL C 279 -6.36 19.83 28.46
CA VAL C 279 -5.29 20.69 27.92
C VAL C 279 -4.22 20.95 28.99
N GLU C 280 -4.66 21.28 30.22
CA GLU C 280 -3.74 21.49 31.37
C GLU C 280 -2.85 20.27 31.66
N VAL C 281 -3.47 19.09 31.68
CA VAL C 281 -2.76 17.81 31.90
C VAL C 281 -1.70 17.56 30.81
N VAL C 282 -2.07 17.75 29.55
CA VAL C 282 -1.15 17.56 28.41
C VAL C 282 0.03 18.55 28.50
N LYS C 283 -0.26 19.81 28.82
CA LYS C 283 0.75 20.87 29.02
C LYS C 283 1.84 20.58 30.07
N THR C 284 1.52 19.81 31.12
CA THR C 284 2.50 19.48 32.19
C THR C 284 3.72 18.69 31.71
N PHE C 285 3.57 17.92 30.62
CA PHE C 285 4.65 17.12 30.05
C PHE C 285 5.69 17.90 29.22
N ASN C 286 5.42 19.18 28.93
CA ASN C 286 6.40 20.12 28.34
C ASN C 286 6.94 19.70 26.96
N LEU C 287 6.04 19.13 26.15
CA LEU C 287 6.37 18.64 24.80
C LEU C 287 5.76 19.57 23.74
N PRO C 288 6.38 19.65 22.53
CA PRO C 288 5.77 20.32 21.37
C PRO C 288 4.32 19.87 21.17
N LEU C 289 3.41 20.84 21.07
CA LEU C 289 1.96 20.59 21.17
C LEU C 289 1.19 21.31 20.06
N LEU C 290 0.49 20.55 19.21
CA LEU C 290 -0.46 21.09 18.23
C LEU C 290 -1.88 20.90 18.78
N MET C 291 -2.55 22.00 19.09
CA MET C 291 -3.95 21.98 19.56
C MET C 291 -4.90 22.29 18.40
N LEU C 292 -5.86 21.40 18.18
CA LEU C 292 -6.79 21.49 17.07
C LEU C 292 -8.22 21.48 17.58
N GLY C 293 -9.13 21.97 16.73
CA GLY C 293 -10.56 21.96 17.03
C GLY C 293 -11.17 20.58 16.83
N GLY C 294 -12.40 20.57 16.36
CA GLY C 294 -13.15 19.33 16.16
C GLY C 294 -14.64 19.62 16.09
N GLY C 295 -15.45 18.70 16.60
CA GLY C 295 -16.89 18.90 16.66
C GLY C 295 -17.28 19.98 17.67
N GLY C 296 -18.57 20.31 17.66
CA GLY C 296 -19.15 21.30 18.58
C GLY C 296 -20.30 21.98 17.86
N TYR C 297 -21.52 21.78 18.38
CA TYR C 297 -22.79 22.16 17.70
C TYR C 297 -23.72 23.10 18.48
N THR C 298 -23.40 23.40 19.74
CA THR C 298 -23.97 24.54 20.47
C THR C 298 -22.88 25.60 20.45
N ILE C 299 -22.94 26.47 19.45
CA ILE C 299 -21.78 27.29 19.04
C ILE C 299 -21.31 28.35 20.04
N ARG C 300 -22.23 28.86 20.87
CA ARG C 300 -21.84 29.73 22.01
C ARG C 300 -20.90 29.01 22.99
N ASN C 301 -21.19 27.73 23.28
CA ASN C 301 -20.34 26.91 24.16
C ASN C 301 -19.01 26.50 23.50
N VAL C 302 -19.01 26.35 22.17
CA VAL C 302 -17.77 26.12 21.39
C VAL C 302 -16.84 27.33 21.54
N ALA C 303 -17.40 28.54 21.34
CA ALA C 303 -16.66 29.80 21.50
C ALA C 303 -16.03 29.93 22.89
N ARG C 304 -16.84 29.66 23.93
CA ARG C 304 -16.37 29.65 25.33
C ARG C 304 -15.20 28.69 25.56
N CYS C 305 -15.40 27.45 25.09
CA CYS C 305 -14.47 26.34 25.35
C CYS C 305 -13.09 26.59 24.77
N TRP C 306 -13.05 26.92 23.48
CA TRP C 306 -11.79 27.18 22.77
C TRP C 306 -11.14 28.53 23.13
N THR C 307 -11.92 29.52 23.56
CA THR C 307 -11.40 30.74 24.18
C THR C 307 -10.63 30.40 25.47
N TYR C 308 -11.27 29.66 26.37
CA TYR C 308 -10.66 29.27 27.65
C TYR C 308 -9.43 28.37 27.48
N GLU C 309 -9.49 27.44 26.53
CA GLU C 309 -8.35 26.55 26.21
C GLU C 309 -7.16 27.28 25.56
N THR C 310 -7.42 28.33 24.79
CA THR C 310 -6.36 29.28 24.36
C THR C 310 -5.72 30.00 25.56
N ALA C 311 -6.55 30.42 26.52
CA ALA C 311 -6.06 31.04 27.77
C ALA C 311 -5.23 30.07 28.63
N VAL C 312 -5.68 28.80 28.70
CA VAL C 312 -4.93 27.71 29.34
C VAL C 312 -3.56 27.52 28.68
N ALA C 313 -3.54 27.49 27.33
CA ALA C 313 -2.29 27.40 26.55
C ALA C 313 -1.30 28.54 26.85
N LEU C 314 -1.83 29.75 27.05
CA LEU C 314 -1.04 30.96 27.38
C LEU C 314 -0.59 31.12 28.85
N ASP C 315 -1.05 30.25 29.76
CA ASP C 315 -0.91 30.42 31.23
C ASP C 315 -1.51 31.75 31.74
N CYS C 316 -2.64 32.16 31.13
CA CYS C 316 -3.27 33.45 31.39
C CYS C 316 -4.65 33.22 31.99
N GLU C 317 -4.86 33.67 33.22
CA GLU C 317 -6.18 33.61 33.88
C GLU C 317 -7.06 34.71 33.28
N ILE C 318 -8.27 34.33 32.86
CA ILE C 318 -9.24 35.27 32.26
C ILE C 318 -10.54 35.33 33.09
N PRO C 319 -11.20 36.52 33.20
CA PRO C 319 -12.44 36.58 34.01
C PRO C 319 -13.60 35.74 33.50
N ASN C 320 -14.45 35.28 34.42
CA ASN C 320 -15.71 34.60 34.08
C ASN C 320 -16.71 35.55 33.38
N GLU C 321 -16.63 36.86 33.66
CA GLU C 321 -17.48 37.85 32.99
C GLU C 321 -16.92 38.06 31.58
N LEU C 322 -17.74 37.78 30.58
CA LEU C 322 -17.32 37.93 29.18
C LEU C 322 -17.11 39.41 28.84
N PRO C 323 -16.03 39.74 28.08
CA PRO C 323 -15.90 41.11 27.59
C PRO C 323 -16.91 41.37 26.47
N TYR C 324 -17.12 42.63 26.14
CA TYR C 324 -17.94 42.97 24.99
C TYR C 324 -17.29 42.42 23.71
N ASN C 325 -18.13 41.91 22.81
CA ASN C 325 -17.70 41.33 21.55
C ASN C 325 -18.81 41.43 20.49
N ASP C 326 -18.46 41.10 19.24
CA ASP C 326 -19.41 41.18 18.10
C ASP C 326 -20.64 40.27 18.18
N TYR C 327 -20.59 39.21 19.01
CA TYR C 327 -21.68 38.25 19.19
C TYR C 327 -22.12 38.15 20.66
N PHE C 328 -22.22 39.31 21.33
CA PHE C 328 -22.45 39.36 22.79
C PHE C 328 -23.81 38.76 23.17
N GLU C 329 -24.85 39.14 22.43
CA GLU C 329 -26.22 38.58 22.53
C GLU C 329 -26.38 37.05 22.50
N TYR C 330 -25.46 36.35 21.80
CA TYR C 330 -25.44 34.87 21.76
C TYR C 330 -25.17 34.22 23.13
N PHE C 331 -24.46 34.92 24.02
CA PHE C 331 -24.05 34.39 25.34
C PHE C 331 -25.02 34.70 26.50
N GLY C 332 -26.14 35.38 26.25
CA GLY C 332 -27.12 35.72 27.28
C GLY C 332 -27.97 34.53 27.75
N PRO C 333 -28.77 34.72 28.82
CA PRO C 333 -29.01 35.97 29.59
C PRO C 333 -27.96 36.34 30.66
N ASP C 334 -27.03 35.43 31.00
CA ASP C 334 -26.03 35.65 32.07
C ASP C 334 -24.66 36.14 31.59
N PHE C 335 -24.30 35.87 30.33
CA PHE C 335 -23.08 36.42 29.68
C PHE C 335 -21.77 36.04 30.39
N LYS C 336 -21.68 34.77 30.80
CA LYS C 336 -20.54 34.21 31.52
C LYS C 336 -19.74 33.29 30.60
N LEU C 337 -18.46 33.12 30.92
CA LEU C 337 -17.56 32.21 30.17
C LEU C 337 -17.88 30.76 30.46
N HIS C 338 -17.91 30.42 31.75
CA HIS C 338 -18.08 29.04 32.21
C HIS C 338 -19.55 28.63 32.26
N ILE C 339 -19.78 27.32 32.09
CA ILE C 339 -21.12 26.73 31.99
C ILE C 339 -21.35 25.74 33.14
N SER C 340 -22.61 25.58 33.52
CA SER C 340 -23.00 24.57 34.52
C SER C 340 -23.32 23.26 33.81
N PRO C 341 -23.03 22.10 34.45
CA PRO C 341 -23.46 20.82 33.89
C PRO C 341 -24.98 20.63 34.05
N SER C 342 -25.55 19.76 33.21
CA SER C 342 -26.96 19.39 33.30
C SER C 342 -27.20 18.37 34.42
N ASN C 343 -28.48 18.07 34.64
CA ASN C 343 -28.92 17.02 35.59
C ASN C 343 -28.97 15.58 35.01
N MET C 344 -28.43 15.35 33.80
CA MET C 344 -28.54 14.03 33.13
C MET C 344 -27.81 12.93 33.91
N THR C 345 -28.32 11.71 33.78
CA THR C 345 -27.74 10.53 34.45
C THR C 345 -26.41 10.17 33.80
N ASN C 346 -25.39 9.96 34.64
CA ASN C 346 -24.11 9.41 34.21
C ASN C 346 -24.31 7.89 34.12
N GLN C 347 -24.42 7.39 32.87
CA GLN C 347 -24.59 5.96 32.61
C GLN C 347 -23.29 5.15 32.73
N ASN C 348 -22.14 5.81 32.91
CA ASN C 348 -20.86 5.16 33.18
C ASN C 348 -20.80 4.81 34.67
N THR C 349 -21.04 3.55 35.01
CA THR C 349 -20.95 3.09 36.41
C THR C 349 -19.47 3.06 36.86
N PRO C 350 -19.18 3.24 38.17
CA PRO C 350 -17.80 3.08 38.64
C PRO C 350 -17.12 1.74 38.29
N GLU C 351 -17.87 0.64 38.34
CA GLU C 351 -17.40 -0.70 37.90
C GLU C 351 -16.99 -0.70 36.43
N TYR C 352 -17.85 -0.15 35.59
CA TYR C 352 -17.59 -0.05 34.14
C TYR C 352 -16.29 0.71 33.86
N MET C 353 -16.16 1.91 34.44
N MET C 353 -16.15 1.91 34.44
CA MET C 353 -14.98 2.77 34.26
CA MET C 353 -14.97 2.76 34.23
C MET C 353 -13.68 2.14 34.74
C MET C 353 -13.67 2.15 34.73
N GLU C 354 -13.72 1.49 35.90
CA GLU C 354 -12.55 0.76 36.44
C GLU C 354 -12.14 -0.45 35.59
N LYS C 355 -13.13 -1.18 35.07
CA LYS C 355 -12.89 -2.34 34.16
C LYS C 355 -12.18 -1.94 32.85
N ILE C 356 -12.62 -0.83 32.24
CA ILE C 356 -11.99 -0.29 31.02
C ILE C 356 -10.58 0.21 31.34
N LYS C 357 -10.46 1.02 32.41
CA LYS C 357 -9.16 1.55 32.88
C LYS C 357 -8.14 0.46 33.17
N GLN C 358 -8.59 -0.62 33.84
CA GLN C 358 -7.78 -1.82 34.11
C GLN C 358 -7.25 -2.47 32.82
N ARG C 359 -8.14 -2.65 31.84
CA ARG C 359 -7.77 -3.22 30.52
C ARG C 359 -6.74 -2.36 29.77
N LEU C 360 -6.92 -1.04 29.77
CA LEU C 360 -6.00 -0.12 29.08
C LEU C 360 -4.61 -0.08 29.73
N PHE C 361 -4.55 -0.09 31.06
CA PHE C 361 -3.26 -0.23 31.79
C PHE C 361 -2.52 -1.53 31.44
N GLU C 362 -3.27 -2.65 31.35
CA GLU C 362 -2.72 -3.95 30.90
C GLU C 362 -2.14 -3.89 29.49
N ASN C 363 -2.86 -3.25 28.57
CA ASN C 363 -2.38 -3.04 27.19
C ASN C 363 -1.15 -2.12 27.10
N LEU C 364 -1.12 -1.05 27.90
CA LEU C 364 0.04 -0.14 27.97
C LEU C 364 1.31 -0.79 28.55
N ARG C 365 1.15 -1.77 29.45
CA ARG C 365 2.28 -2.59 29.94
C ARG C 365 2.94 -3.52 28.89
N MET C 366 2.27 -3.78 27.75
CA MET C 366 2.83 -4.58 26.65
C MET C 366 3.77 -3.84 25.67
N LEU C 367 3.97 -2.52 25.83
CA LEU C 367 4.87 -1.74 24.92
C LEU C 367 6.36 -2.14 24.90
N PRO C 368 7.04 -2.18 26.08
CA PRO C 368 8.50 -2.38 26.09
C PRO C 368 8.88 -3.84 25.88
#